data_6AJI
#
_entry.id   6AJI
#
_cell.length_a   87.696
_cell.length_b   140.598
_cell.length_c   141.833
_cell.angle_alpha   90.000
_cell.angle_beta   90.000
_cell.angle_gamma   90.000
#
_symmetry.space_group_name_H-M   'P 21 21 21'
#
loop_
_entity.id
_entity.type
_entity.pdbx_description
1 polymer 'Drug exporters of the RND superfamily-like protein,Endolysin'
2 non-polymer 5-(4-chlorophenyl)-1-(2,4-dichlorophenyl)-4-methyl-N-(piperidin-1-yl)-1H-pyrazole-3-carboxamide
3 non-polymer 'alpha-D-glucopyranosyl 6-O-dodecyl-alpha-D-glucopyranoside'
4 non-polymer '(CARBAMOYLMETHYL-CARBOXYMETHYL-AMINO)-ACETIC ACID'
#
_entity_poly.entity_id   1
_entity_poly.type   'polypeptide(L)'
_entity_poly.pdbx_seq_one_letter_code
;MPEVVGSYFQSNAMFAWWGRTVYQFRYIVIGVMVALCLGGGVYGISLGNHVTQSGFYDEGSQSVAASLIGDEVYGRDRTS
HVVAILTPPDDKKVTDKAWQKKVTEELDQVVKDHEDQIVGWVGWLKAPDTTDPTVSAMKTQDLRHTFISIPLQGDDDDEI
LKNYQVVEPELQQVNGGDIRLAGLNPLASELTGTIGEDQKRAEVAAIPLVAVVLFFVFGTVIAAALPAIIGGLAIAGALG
IMRLVAEFTPVHFFAQPVVTLIGLGIAIDYGLFIVSRFREEIAEGYDTEAAVRRTVMTSGRTVVFSAVIIVASSVPLLLF
PQGFLKSITYAIIASVMLAAILSITVLAAALAILGPRVDALGVTTLLKIPFLANWQFSRRIIDWFAEKTQKTKTREEVER
GFWGRLVNVVMKRPIAFAAPILVVMVLLIIPLGQLSLGGISEKYLPPDNAVRQSQEQFDKLFPGFRTEPLTLVMKREDGE
PITDAQIADMRAKALTVSGFTDPDNDPEKMWKERPANDSGSKDPSVRVIQNGLENRNDAAKKIDELRALQPPHGIEVFVG
GTPALEQDSIHSLFDKLPLMALILIVTTTVLMFLAFGSVVLPIKAALMSALTLGSTMGILTWMFVDGHGSGLMNYTPQPL
MAPMIGLIIAVIWGLSTDYEVFLVSRMVEARERGMSTAEAIRIGTATTGRLITGAALILAVVAGAFVFSDLVMMKYLAFG
LLIALLLDATIIRMFLVPAVMKLLGDDCWWAPRWMKRVQEKEFNIFEMLRIDEGLRLKIYKDTEGYYTIGIGHLLTKSPS
LNAAKSELDKAIGRNTNGVITKDEAEKLFNQDVDAAVRGILRNAKLKPVYDSLDAVRRAALINMVFQMGETGVAGFTNSL
RMLQQKRWDEAAVNLAKSRWYNQTPNRAKRVITTFRTGTWDAYEFHLGGIKAFHHHHHHHHHH
;
_entity_poly.pdbx_strand_id   A
#
# COMPACT_ATOMS: atom_id res chain seq x y z
N SER A 11 9.46 -16.66 -13.21
CA SER A 11 9.63 -15.40 -12.50
C SER A 11 10.57 -14.44 -13.24
N ASN A 12 11.07 -14.86 -14.42
CA ASN A 12 12.09 -14.09 -15.12
C ASN A 12 11.95 -14.03 -16.64
N ALA A 13 10.96 -14.69 -17.25
CA ALA A 13 10.75 -14.65 -18.70
C ALA A 13 9.43 -14.03 -19.11
N MET A 14 8.39 -14.18 -18.29
CA MET A 14 7.13 -13.45 -18.48
C MET A 14 7.35 -11.95 -18.55
N PHE A 15 8.26 -11.42 -17.73
CA PHE A 15 8.54 -10.00 -17.78
C PHE A 15 9.21 -9.63 -19.09
N ALA A 16 10.11 -10.48 -19.58
CA ALA A 16 10.62 -10.35 -20.95
C ALA A 16 9.49 -10.49 -21.96
N TRP A 17 8.60 -11.45 -21.75
CA TRP A 17 7.41 -11.56 -22.59
C TRP A 17 6.65 -10.24 -22.60
N TRP A 18 6.28 -9.75 -21.42
CA TRP A 18 5.44 -8.57 -21.34
C TRP A 18 6.20 -7.31 -21.72
N GLY A 19 7.50 -7.27 -21.46
CA GLY A 19 8.31 -6.13 -21.89
C GLY A 19 8.30 -5.95 -23.39
N ARG A 20 8.23 -7.05 -24.14
CA ARG A 20 8.21 -6.95 -25.60
C ARG A 20 6.84 -6.48 -26.09
N THR A 21 5.76 -7.02 -25.53
CA THR A 21 4.44 -6.78 -26.10
C THR A 21 3.88 -5.43 -25.68
N VAL A 22 4.22 -4.94 -24.49
CA VAL A 22 3.80 -3.60 -24.10
C VAL A 22 4.35 -2.55 -25.08
N TYR A 23 5.44 -2.88 -25.80
CA TYR A 23 5.94 -1.96 -26.82
C TYR A 23 5.19 -2.12 -28.13
N GLN A 24 4.89 -3.35 -28.53
CA GLN A 24 4.22 -3.58 -29.81
C GLN A 24 2.82 -2.97 -29.82
N PHE A 25 2.06 -3.17 -28.75
CA PHE A 25 0.70 -2.66 -28.64
C PHE A 25 0.60 -1.46 -27.70
N ARG A 26 1.63 -0.62 -27.71
CA ARG A 26 1.71 0.48 -26.75
C ARG A 26 0.53 1.44 -26.87
N TYR A 27 -0.09 1.52 -28.04
CA TYR A 27 -1.18 2.49 -28.22
C TYR A 27 -2.48 1.99 -27.59
N ILE A 28 -2.86 0.73 -27.84
CA ILE A 28 -4.10 0.27 -27.23
C ILE A 28 -3.94 0.15 -25.71
N VAL A 29 -2.74 -0.17 -25.24
CA VAL A 29 -2.53 -0.33 -23.80
C VAL A 29 -2.80 0.99 -23.08
N ILE A 30 -2.20 2.07 -23.57
CA ILE A 30 -2.44 3.38 -22.98
C ILE A 30 -3.89 3.80 -23.19
N GLY A 31 -4.51 3.34 -24.27
CA GLY A 31 -5.88 3.67 -24.60
C GLY A 31 -6.93 3.05 -23.68
N VAL A 32 -6.78 1.76 -23.35
CA VAL A 32 -7.81 1.04 -22.61
C VAL A 32 -7.77 1.35 -21.11
N MET A 33 -6.59 1.30 -20.51
CA MET A 33 -6.51 1.47 -19.07
C MET A 33 -6.67 2.92 -18.63
N VAL A 34 -6.21 3.88 -19.41
CA VAL A 34 -6.57 5.27 -19.13
C VAL A 34 -8.08 5.41 -19.19
N ALA A 35 -8.72 4.79 -20.18
CA ALA A 35 -10.17 4.80 -20.25
C ALA A 35 -10.78 4.24 -18.96
N LEU A 36 -10.30 3.08 -18.52
CA LEU A 36 -10.94 2.46 -17.36
C LEU A 36 -10.66 3.24 -16.08
N CYS A 37 -9.42 3.71 -15.89
CA CYS A 37 -9.12 4.48 -14.69
C CYS A 37 -9.97 5.74 -14.64
N LEU A 38 -9.99 6.51 -15.72
CA LEU A 38 -10.91 7.64 -15.80
C LEU A 38 -12.35 7.16 -15.64
N GLY A 39 -12.70 6.07 -16.30
CA GLY A 39 -14.02 5.48 -16.11
C GLY A 39 -14.27 5.10 -14.66
N GLY A 40 -13.27 4.53 -14.00
CA GLY A 40 -13.39 4.29 -12.58
C GLY A 40 -13.46 5.57 -11.77
N GLY A 41 -12.83 6.63 -12.27
CA GLY A 41 -12.88 7.90 -11.56
C GLY A 41 -14.28 8.47 -11.50
N VAL A 42 -15.02 8.43 -12.61
CA VAL A 42 -16.36 9.01 -12.60
C VAL A 42 -17.28 8.20 -11.71
N TYR A 43 -17.13 6.87 -11.70
CA TYR A 43 -17.91 6.04 -10.80
C TYR A 43 -17.52 6.27 -9.35
N GLY A 44 -16.21 6.39 -9.09
CA GLY A 44 -15.69 6.41 -7.74
C GLY A 44 -15.92 7.70 -6.98
N ILE A 45 -16.22 8.81 -7.67
CA ILE A 45 -16.42 10.08 -6.97
C ILE A 45 -17.57 9.98 -5.98
N SER A 46 -18.53 9.11 -6.22
CA SER A 46 -19.67 8.97 -5.33
C SER A 46 -19.35 8.15 -4.07
N LEU A 47 -18.08 7.79 -3.85
CA LEU A 47 -17.76 6.87 -2.76
C LEU A 47 -18.11 7.46 -1.39
N GLY A 48 -17.95 8.78 -1.23
CA GLY A 48 -18.16 9.39 0.07
C GLY A 48 -19.57 9.31 0.57
N ASN A 49 -20.54 9.12 -0.33
CA ASN A 49 -21.94 8.97 0.05
C ASN A 49 -22.34 7.52 0.26
N HIS A 50 -21.38 6.59 0.22
CA HIS A 50 -21.65 5.18 0.44
C HIS A 50 -20.63 4.58 1.39
N VAL A 51 -20.13 5.35 2.34
CA VAL A 51 -19.20 4.84 3.34
C VAL A 51 -19.91 4.75 4.69
N THR A 52 -19.29 4.01 5.60
CA THR A 52 -19.88 3.75 6.90
C THR A 52 -18.93 4.21 8.01
N GLN A 53 -19.51 4.55 9.15
CA GLN A 53 -18.75 4.88 10.34
C GLN A 53 -18.64 3.71 11.32
N SER A 54 -19.32 2.60 11.02
CA SER A 54 -19.37 1.45 11.91
C SER A 54 -18.32 0.43 11.50
N GLY A 55 -17.86 -0.34 12.48
CA GLY A 55 -16.86 -1.36 12.21
C GLY A 55 -15.77 -1.41 13.24
N PHE A 56 -16.05 -0.93 14.46
CA PHE A 56 -15.04 -0.93 15.52
C PHE A 56 -15.20 -2.07 16.51
N TYR A 57 -16.35 -2.74 16.54
CA TYR A 57 -16.65 -3.83 17.46
C TYR A 57 -16.49 -5.19 16.77
N ASP A 58 -16.65 -6.27 17.55
CA ASP A 58 -16.56 -7.65 17.06
C ASP A 58 -17.97 -8.16 16.79
N GLU A 59 -18.28 -8.37 15.50
CA GLU A 59 -19.65 -8.69 15.10
C GLU A 59 -20.14 -10.02 15.67
N GLY A 60 -19.24 -10.93 16.00
CA GLY A 60 -19.63 -12.19 16.60
C GLY A 60 -19.65 -12.21 18.12
N SER A 61 -19.43 -11.06 18.76
CA SER A 61 -19.29 -11.00 20.20
C SER A 61 -20.63 -11.12 20.90
N GLN A 62 -20.57 -11.47 22.17
CA GLN A 62 -21.78 -11.55 22.98
C GLN A 62 -22.34 -10.17 23.29
N SER A 63 -21.47 -9.16 23.39
CA SER A 63 -21.95 -7.80 23.59
C SER A 63 -22.69 -7.30 22.36
N VAL A 64 -22.22 -7.66 21.18
CA VAL A 64 -22.95 -7.31 19.96
C VAL A 64 -24.27 -8.08 19.89
N ALA A 65 -24.26 -9.34 20.30
CA ALA A 65 -25.52 -10.06 20.42
C ALA A 65 -26.43 -9.36 21.42
N ALA A 66 -25.88 -9.02 22.59
CA ALA A 66 -26.67 -8.34 23.62
C ALA A 66 -27.24 -7.03 23.09
N SER A 67 -26.42 -6.26 22.38
CA SER A 67 -26.92 -5.03 21.76
C SER A 67 -28.03 -5.32 20.78
N LEU A 68 -27.76 -6.22 19.81
CA LEU A 68 -28.72 -6.55 18.76
C LEU A 68 -30.07 -6.95 19.34
N ILE A 69 -30.06 -7.86 20.30
CA ILE A 69 -31.30 -8.33 20.90
C ILE A 69 -31.95 -7.21 21.69
N GLY A 70 -31.15 -6.43 22.41
CA GLY A 70 -31.70 -5.36 23.22
C GLY A 70 -32.34 -4.29 22.37
N ASP A 71 -31.69 -3.93 21.26
CA ASP A 71 -32.29 -2.95 20.35
C ASP A 71 -33.58 -3.49 19.75
N GLU A 72 -33.55 -4.73 19.25
CA GLU A 72 -34.74 -5.30 18.62
C GLU A 72 -35.95 -5.25 19.53
N VAL A 73 -35.77 -5.61 20.80
CA VAL A 73 -36.91 -5.78 21.69
C VAL A 73 -37.30 -4.50 22.39
N TYR A 74 -36.32 -3.79 22.94
CA TYR A 74 -36.60 -2.60 23.73
C TYR A 74 -36.62 -1.33 22.91
N GLY A 75 -36.08 -1.38 21.69
CA GLY A 75 -35.91 -0.16 20.91
C GLY A 75 -34.52 0.40 21.08
N ARG A 76 -33.89 0.76 19.96
CA ARG A 76 -32.62 1.45 20.00
C ARG A 76 -32.67 2.60 21.00
N ASP A 77 -31.60 2.73 21.78
CA ASP A 77 -31.46 3.86 22.70
C ASP A 77 -31.13 5.09 21.89
N ARG A 78 -31.99 6.12 21.95
CA ARG A 78 -31.76 7.36 21.23
C ARG A 78 -31.72 8.58 22.14
N THR A 79 -31.53 8.38 23.44
CA THR A 79 -31.48 9.51 24.37
C THR A 79 -30.19 10.31 24.22
N SER A 80 -29.12 9.70 23.72
CA SER A 80 -27.84 10.35 23.54
C SER A 80 -27.59 10.81 22.10
N HIS A 81 -28.62 10.79 21.24
CA HIS A 81 -28.39 11.12 19.83
C HIS A 81 -27.93 12.57 19.68
N VAL A 82 -28.79 13.50 20.11
CA VAL A 82 -28.53 14.94 20.13
C VAL A 82 -29.08 15.52 21.42
N VAL A 83 -28.22 16.16 22.21
CA VAL A 83 -28.68 16.97 23.33
C VAL A 83 -28.16 18.38 23.13
N ALA A 84 -29.02 19.36 23.42
CA ALA A 84 -28.77 20.77 23.11
C ALA A 84 -28.89 21.58 24.39
N ILE A 85 -27.88 22.37 24.70
CA ILE A 85 -27.94 23.27 25.84
C ILE A 85 -28.55 24.58 25.37
N LEU A 86 -29.45 25.13 26.18
CA LEU A 86 -30.13 26.39 25.87
C LEU A 86 -29.71 27.45 26.88
N THR A 87 -29.60 28.69 26.42
CA THR A 87 -29.23 29.78 27.31
C THR A 87 -30.00 31.04 26.96
N PRO A 88 -30.86 31.53 27.84
CA PRO A 88 -31.58 32.78 27.59
C PRO A 88 -30.62 33.95 27.51
N PRO A 89 -30.84 34.89 26.59
CA PRO A 89 -29.93 36.02 26.42
C PRO A 89 -30.14 37.06 27.52
N ASP A 90 -29.34 38.13 27.44
CA ASP A 90 -29.48 39.31 28.30
C ASP A 90 -29.59 38.94 29.77
N ASP A 91 -28.98 37.83 30.16
CA ASP A 91 -29.10 37.32 31.52
C ASP A 91 -30.56 37.14 31.93
N LYS A 92 -31.40 36.66 31.03
CA LYS A 92 -32.66 36.13 31.50
C LYS A 92 -32.47 34.68 31.96
N LYS A 93 -33.40 34.20 32.77
CA LYS A 93 -33.33 32.83 33.29
C LYS A 93 -34.36 31.90 32.64
N VAL A 94 -34.00 30.61 32.54
CA VAL A 94 -34.81 29.66 31.76
C VAL A 94 -36.24 29.54 32.26
N THR A 95 -36.56 30.05 33.45
CA THR A 95 -37.95 30.07 33.87
C THR A 95 -38.72 31.27 33.34
N ASP A 96 -38.04 32.19 32.66
CA ASP A 96 -38.70 33.29 31.95
C ASP A 96 -39.75 32.70 31.02
N LYS A 97 -41.03 32.93 31.35
CA LYS A 97 -42.10 32.29 30.58
C LYS A 97 -42.15 32.81 29.15
N ALA A 98 -41.72 34.06 28.92
CA ALA A 98 -41.66 34.56 27.55
C ALA A 98 -40.55 33.87 26.76
N TRP A 99 -39.34 33.81 27.33
CA TRP A 99 -38.26 33.07 26.69
C TRP A 99 -38.67 31.63 26.45
N GLN A 100 -39.32 31.01 27.45
CA GLN A 100 -39.79 29.63 27.29
C GLN A 100 -40.72 29.49 26.09
N LYS A 101 -41.76 30.32 26.03
CA LYS A 101 -42.71 30.22 24.93
C LYS A 101 -42.01 30.30 23.57
N LYS A 102 -41.03 31.21 23.42
CA LYS A 102 -40.45 31.44 22.10
C LYS A 102 -39.54 30.31 21.66
N VAL A 103 -38.78 29.71 22.59
CA VAL A 103 -37.84 28.68 22.15
C VAL A 103 -38.54 27.34 21.90
N THR A 104 -39.65 27.04 22.60
CA THR A 104 -40.30 25.75 22.33
C THR A 104 -41.04 25.78 21.00
N GLU A 105 -41.79 26.85 20.72
CA GLU A 105 -42.50 26.92 19.44
C GLU A 105 -41.51 26.90 18.28
N GLU A 106 -40.27 27.32 18.52
CA GLU A 106 -39.22 27.15 17.51
C GLU A 106 -38.86 25.67 17.37
N LEU A 107 -38.67 24.96 18.49
CA LEU A 107 -38.40 23.54 18.43
C LEU A 107 -39.55 22.78 17.77
N ASP A 108 -40.77 23.09 18.17
CA ASP A 108 -41.93 22.41 17.60
C ASP A 108 -42.00 22.61 16.09
N GLN A 109 -41.58 23.77 15.60
CA GLN A 109 -41.59 24.02 14.15
C GLN A 109 -40.49 23.24 13.45
N VAL A 110 -39.34 23.05 14.10
CA VAL A 110 -38.27 22.25 13.51
C VAL A 110 -38.72 20.79 13.37
N VAL A 111 -39.49 20.29 14.33
CA VAL A 111 -39.90 18.88 14.30
C VAL A 111 -40.96 18.66 13.23
N LYS A 112 -41.95 19.55 13.14
CA LYS A 112 -42.99 19.35 12.14
C LYS A 112 -42.44 19.47 10.73
N ASP A 113 -41.41 20.28 10.54
CA ASP A 113 -40.75 20.39 9.24
C ASP A 113 -39.90 19.17 8.91
N HIS A 114 -39.61 18.32 9.90
CA HIS A 114 -38.60 17.29 9.74
C HIS A 114 -39.00 16.02 10.49
N GLU A 115 -40.26 15.59 10.34
CA GLU A 115 -40.67 14.37 11.03
C GLU A 115 -40.11 13.11 10.38
N ASP A 116 -39.77 13.16 9.09
CA ASP A 116 -39.04 12.06 8.48
C ASP A 116 -37.64 11.90 9.09
N GLN A 117 -37.19 12.84 9.92
CA GLN A 117 -35.88 12.75 10.55
C GLN A 117 -35.87 13.05 12.05
N ILE A 118 -36.93 13.62 12.61
CA ILE A 118 -36.98 13.92 14.04
C ILE A 118 -38.10 13.10 14.67
N VAL A 119 -37.76 12.33 15.70
CA VAL A 119 -38.77 11.67 16.51
C VAL A 119 -39.53 12.70 17.33
N GLY A 120 -38.81 13.59 17.98
CA GLY A 120 -39.39 14.63 18.79
C GLY A 120 -38.31 15.23 19.68
N TRP A 121 -38.71 16.17 20.51
CA TRP A 121 -37.79 16.73 21.47
C TRP A 121 -38.37 16.58 22.87
N VAL A 122 -37.54 16.19 23.82
CA VAL A 122 -37.97 16.00 25.20
C VAL A 122 -37.03 16.77 26.13
N GLY A 123 -37.57 17.24 27.25
CA GLY A 123 -36.79 18.01 28.20
C GLY A 123 -37.68 18.66 29.23
N TRP A 124 -37.04 19.27 30.21
CA TRP A 124 -37.77 20.04 31.20
C TRP A 124 -38.56 21.17 30.57
N LEU A 125 -38.06 21.73 29.48
CA LEU A 125 -38.79 22.80 28.79
C LEU A 125 -40.19 22.36 28.40
N LYS A 126 -40.37 21.07 28.11
CA LYS A 126 -41.72 20.49 28.06
C LYS A 126 -42.21 20.26 29.48
N ALA A 127 -43.40 20.78 29.78
CA ALA A 127 -43.95 20.75 31.12
C ALA A 127 -42.94 21.24 32.14
N PRO A 128 -42.60 22.53 32.12
CA PRO A 128 -41.65 23.05 33.13
C PRO A 128 -42.20 23.06 34.55
N ASP A 129 -43.48 22.73 34.74
CA ASP A 129 -44.07 22.62 36.06
C ASP A 129 -44.02 21.18 36.59
N THR A 130 -43.10 20.37 36.08
CA THR A 130 -43.05 18.98 36.51
C THR A 130 -42.43 18.85 37.89
N THR A 131 -42.71 17.71 38.52
CA THR A 131 -42.16 17.38 39.84
C THR A 131 -41.17 16.22 39.75
N ASP A 132 -40.64 15.95 38.56
CA ASP A 132 -39.72 14.84 38.39
C ASP A 132 -38.31 15.25 38.83
N PRO A 133 -37.62 14.43 39.64
CA PRO A 133 -36.27 14.81 40.06
C PRO A 133 -35.27 14.85 38.92
N THR A 134 -35.32 13.88 38.00
CA THR A 134 -34.38 13.87 36.88
C THR A 134 -34.75 14.87 35.81
N VAL A 135 -36.06 15.09 35.58
CA VAL A 135 -36.46 16.09 34.59
C VAL A 135 -36.16 17.50 35.10
N SER A 136 -36.26 17.72 36.41
CA SER A 136 -35.82 18.99 36.96
C SER A 136 -34.30 19.11 37.01
N ALA A 137 -33.57 18.00 36.84
CA ALA A 137 -32.11 18.05 36.77
C ALA A 137 -31.60 18.48 35.41
N MET A 138 -32.49 18.82 34.48
CA MET A 138 -32.12 19.30 33.16
C MET A 138 -32.00 20.82 33.11
N LYS A 139 -32.16 21.49 34.24
CA LYS A 139 -31.84 22.89 34.40
C LYS A 139 -30.69 23.02 35.38
N THR A 140 -29.93 24.10 35.25
CA THR A 140 -28.87 24.35 36.21
C THR A 140 -29.44 25.08 37.43
N GLN A 141 -28.61 25.22 38.47
CA GLN A 141 -29.08 25.83 39.71
C GLN A 141 -29.24 27.34 39.58
N ASP A 142 -28.45 27.99 38.74
CA ASP A 142 -28.65 29.40 38.45
C ASP A 142 -29.75 29.63 37.41
N LEU A 143 -30.30 28.56 36.84
CA LEU A 143 -31.39 28.63 35.86
C LEU A 143 -31.01 29.47 34.65
N ARG A 144 -29.73 29.43 34.26
CA ARG A 144 -29.31 30.11 33.05
C ARG A 144 -28.96 29.14 31.93
N HIS A 145 -29.04 27.85 32.17
CA HIS A 145 -28.88 26.85 31.12
C HIS A 145 -29.85 25.70 31.38
N THR A 146 -30.39 25.16 30.29
CA THR A 146 -31.21 23.96 30.35
C THR A 146 -30.97 23.18 29.08
N PHE A 147 -31.06 21.85 29.18
CA PHE A 147 -30.70 21.00 28.05
C PHE A 147 -31.87 20.12 27.67
N ILE A 148 -32.18 20.11 26.37
CA ILE A 148 -33.18 19.20 25.81
C ILE A 148 -32.46 18.07 25.09
N SER A 149 -33.14 16.93 25.01
CA SER A 149 -32.66 15.79 24.25
C SER A 149 -33.52 15.65 23.01
N ILE A 150 -32.89 15.47 21.85
CA ILE A 150 -33.58 15.46 20.56
C ILE A 150 -33.32 14.15 19.82
N PRO A 151 -34.12 13.12 20.05
CA PRO A 151 -33.92 11.84 19.34
C PRO A 151 -34.34 11.92 17.87
N LEU A 152 -33.69 11.11 17.03
CA LEU A 152 -33.89 11.16 15.58
C LEU A 152 -34.16 9.78 14.99
N GLN A 153 -34.72 9.79 13.78
CA GLN A 153 -35.11 8.60 13.02
C GLN A 153 -33.90 7.88 12.43
N GLY A 154 -34.14 6.67 11.94
CA GLY A 154 -33.11 5.87 11.31
C GLY A 154 -32.82 4.64 12.14
N ASP A 155 -32.31 3.57 11.51
CA ASP A 155 -32.03 2.33 12.23
C ASP A 155 -30.68 1.72 11.86
N ASP A 156 -29.73 2.54 11.42
CA ASP A 156 -28.31 2.26 11.59
C ASP A 156 -27.63 3.59 11.89
N ASP A 157 -26.38 3.51 12.36
CA ASP A 157 -25.61 4.72 12.64
C ASP A 157 -25.58 5.65 11.43
N ASP A 158 -25.25 5.13 10.24
CA ASP A 158 -25.08 5.96 9.06
C ASP A 158 -26.34 6.76 8.72
N GLU A 159 -27.48 6.07 8.59
CA GLU A 159 -28.73 6.74 8.25
C GLU A 159 -29.09 7.81 9.28
N ILE A 160 -28.78 7.57 10.55
CA ILE A 160 -29.09 8.54 11.60
C ILE A 160 -28.20 9.77 11.48
N LEU A 161 -26.91 9.57 11.18
CA LEU A 161 -26.02 10.72 10.98
C LEU A 161 -26.47 11.57 9.81
N LYS A 162 -26.86 10.94 8.70
CA LYS A 162 -27.34 11.74 7.56
C LYS A 162 -28.61 12.49 7.92
N ASN A 163 -29.35 12.03 8.92
CA ASN A 163 -30.53 12.75 9.36
C ASN A 163 -30.18 13.95 10.23
N TYR A 164 -29.14 13.84 11.04
CA TYR A 164 -28.72 14.97 11.88
C TYR A 164 -28.20 16.14 11.03
N GLN A 165 -27.49 15.84 9.94
CA GLN A 165 -26.88 16.90 9.13
C GLN A 165 -27.89 17.64 8.26
N VAL A 166 -29.00 17.01 7.93
CA VAL A 166 -30.14 17.74 7.36
C VAL A 166 -30.68 18.72 8.38
N VAL A 167 -30.72 18.30 9.65
CA VAL A 167 -31.51 18.98 10.67
C VAL A 167 -30.74 20.09 11.37
N GLU A 168 -29.40 19.97 11.49
CA GLU A 168 -28.71 20.87 12.39
C GLU A 168 -28.49 22.29 11.86
N PRO A 169 -28.48 22.56 10.54
CA PRO A 169 -28.54 23.97 10.11
C PRO A 169 -29.75 24.70 10.66
N GLU A 170 -30.93 24.10 10.56
CA GLU A 170 -32.12 24.73 11.10
C GLU A 170 -32.18 24.62 12.62
N LEU A 171 -31.41 23.70 13.19
CA LEU A 171 -31.40 23.49 14.63
C LEU A 171 -30.45 24.44 15.34
N GLN A 172 -29.31 24.77 14.71
CA GLN A 172 -28.34 25.66 15.34
C GLN A 172 -28.88 27.07 15.52
N GLN A 173 -29.94 27.44 14.80
CA GLN A 173 -30.44 28.82 14.82
C GLN A 173 -31.58 29.05 15.80
N VAL A 174 -32.00 28.03 16.55
CA VAL A 174 -33.03 28.27 17.56
C VAL A 174 -32.43 29.12 18.68
N ASN A 175 -33.26 29.92 19.35
CA ASN A 175 -32.81 30.83 20.40
C ASN A 175 -31.77 31.81 19.86
N GLY A 176 -31.95 32.23 18.61
CA GLY A 176 -31.05 33.19 17.99
C GLY A 176 -29.61 32.71 17.90
N GLY A 177 -29.40 31.41 17.80
CA GLY A 177 -28.08 30.83 17.76
C GLY A 177 -27.50 30.46 19.12
N ASP A 178 -28.01 31.05 20.19
CA ASP A 178 -27.50 30.76 21.54
C ASP A 178 -28.01 29.39 21.97
N ILE A 179 -27.41 28.37 21.36
CA ILE A 179 -27.70 26.97 21.65
C ILE A 179 -26.48 26.14 21.26
N ARG A 180 -26.07 25.22 22.13
CA ARG A 180 -24.88 24.40 21.88
C ARG A 180 -25.27 22.94 21.76
N LEU A 181 -24.84 22.31 20.66
CA LEU A 181 -25.24 20.95 20.30
C LEU A 181 -24.13 19.97 20.63
N ALA A 182 -24.44 18.97 21.44
CA ALA A 182 -23.48 17.93 21.79
C ALA A 182 -24.17 16.56 21.65
N GLY A 183 -23.46 15.51 22.04
CA GLY A 183 -24.00 14.17 22.01
C GLY A 183 -23.39 13.34 20.88
N LEU A 184 -23.99 12.15 20.69
CA LEU A 184 -23.41 11.15 19.79
C LEU A 184 -23.25 11.68 18.37
N ASN A 185 -24.31 12.28 17.83
CA ASN A 185 -24.28 12.63 16.41
C ASN A 185 -23.48 13.90 16.12
N PRO A 186 -23.53 14.94 16.97
CA PRO A 186 -22.58 16.05 16.78
C PRO A 186 -21.13 15.59 16.76
N LEU A 187 -20.70 14.82 17.76
CA LEU A 187 -19.36 14.26 17.71
C LEU A 187 -19.12 13.49 16.41
N ALA A 188 -19.85 12.40 16.19
CA ALA A 188 -19.67 11.60 14.97
C ALA A 188 -19.57 12.47 13.73
N SER A 189 -20.36 13.54 13.66
CA SER A 189 -20.28 14.43 12.50
C SER A 189 -18.92 15.13 12.42
N GLU A 190 -18.40 15.60 13.54
CA GLU A 190 -17.11 16.29 13.52
C GLU A 190 -15.96 15.33 13.20
N LEU A 191 -15.99 14.12 13.77
CA LEU A 191 -14.91 13.19 13.50
C LEU A 191 -14.92 12.70 12.06
N THR A 192 -16.09 12.28 11.56
CA THR A 192 -16.16 11.88 10.16
C THR A 192 -15.94 13.07 9.23
N GLY A 193 -16.10 14.29 9.72
CA GLY A 193 -15.83 15.46 8.90
C GLY A 193 -14.35 15.75 8.71
N THR A 194 -13.48 15.19 9.54
CA THR A 194 -12.05 15.38 9.37
C THR A 194 -11.49 14.63 8.17
N ILE A 195 -12.12 13.51 7.78
CA ILE A 195 -11.73 12.81 6.57
C ILE A 195 -11.68 13.77 5.39
N GLY A 196 -12.76 14.52 5.19
CA GLY A 196 -12.84 15.44 4.06
C GLY A 196 -11.86 16.59 4.14
N GLU A 197 -11.54 17.05 5.35
CA GLU A 197 -10.61 18.17 5.48
C GLU A 197 -9.18 17.73 5.25
N ASP A 198 -8.81 16.54 5.73
CA ASP A 198 -7.48 16.02 5.45
C ASP A 198 -7.28 15.76 3.96
N GLN A 199 -8.37 15.50 3.22
CA GLN A 199 -8.25 15.30 1.78
C GLN A 199 -7.86 16.60 1.08
N LYS A 200 -8.53 17.71 1.43
CA LYS A 200 -8.27 18.96 0.74
C LYS A 200 -6.92 19.54 1.13
N ARG A 201 -6.41 19.21 2.32
CA ARG A 201 -5.07 19.65 2.69
C ARG A 201 -4.00 18.87 1.94
N ALA A 202 -4.25 17.59 1.68
CA ALA A 202 -3.37 16.84 0.79
C ALA A 202 -3.32 17.48 -0.59
N GLU A 203 -4.50 17.82 -1.13
CA GLU A 203 -4.57 18.41 -2.47
C GLU A 203 -3.79 19.71 -2.54
N VAL A 204 -3.83 20.52 -1.49
CA VAL A 204 -3.30 21.88 -1.52
C VAL A 204 -1.81 21.90 -1.20
N ALA A 205 -1.36 21.19 -0.16
CA ALA A 205 0.04 21.24 0.23
C ALA A 205 0.88 20.12 -0.39
N ALA A 206 0.41 18.87 -0.28
CA ALA A 206 1.24 17.73 -0.67
C ALA A 206 1.49 17.71 -2.17
N ILE A 207 0.46 17.95 -2.99
CA ILE A 207 0.61 17.86 -4.44
C ILE A 207 1.70 18.79 -4.98
N PRO A 208 1.65 20.11 -4.72
CA PRO A 208 2.74 20.96 -5.24
C PRO A 208 4.11 20.58 -4.69
N LEU A 209 4.17 20.24 -3.40
CA LEU A 209 5.43 19.79 -2.81
C LEU A 209 5.95 18.55 -3.51
N VAL A 210 5.08 17.56 -3.76
CA VAL A 210 5.46 16.35 -4.49
C VAL A 210 6.05 16.73 -5.84
N ALA A 211 5.37 17.61 -6.57
CA ALA A 211 5.85 18.07 -7.87
C ALA A 211 7.28 18.59 -7.77
N VAL A 212 7.56 19.42 -6.76
CA VAL A 212 8.90 19.98 -6.60
C VAL A 212 9.92 18.86 -6.38
N VAL A 213 9.57 17.90 -5.52
CA VAL A 213 10.50 16.80 -5.25
C VAL A 213 10.76 16.00 -6.53
N LEU A 214 9.70 15.71 -7.29
CA LEU A 214 9.87 15.05 -8.59
C LEU A 214 10.77 15.86 -9.51
N PHE A 215 10.46 17.15 -9.67
CA PHE A 215 11.23 17.96 -10.61
C PHE A 215 12.69 18.10 -10.20
N PHE A 216 12.99 17.97 -8.91
CA PHE A 216 14.38 17.91 -8.47
C PHE A 216 15.03 16.55 -8.73
N VAL A 217 14.24 15.47 -8.69
CA VAL A 217 14.80 14.14 -8.91
C VAL A 217 15.14 13.96 -10.38
N PHE A 218 14.30 14.49 -11.28
CA PHE A 218 14.48 14.32 -12.71
C PHE A 218 15.01 15.54 -13.43
N GLY A 219 14.68 16.74 -12.99
CA GLY A 219 15.18 17.93 -13.65
C GLY A 219 14.61 18.20 -15.02
N THR A 220 13.50 17.57 -15.38
CA THR A 220 12.85 17.88 -16.65
C THR A 220 11.36 17.59 -16.57
N VAL A 221 10.58 18.46 -17.22
CA VAL A 221 9.13 18.52 -17.00
C VAL A 221 8.47 17.18 -17.31
N ILE A 222 8.79 16.59 -18.46
CA ILE A 222 8.08 15.39 -18.89
C ILE A 222 8.39 14.22 -17.95
N ALA A 223 9.67 14.00 -17.67
CA ALA A 223 10.03 12.91 -16.76
C ALA A 223 9.50 13.12 -15.36
N ALA A 224 9.30 14.38 -14.96
CA ALA A 224 8.73 14.67 -13.66
C ALA A 224 7.21 14.53 -13.65
N ALA A 225 6.55 14.87 -14.75
CA ALA A 225 5.08 14.84 -14.78
C ALA A 225 4.52 13.43 -14.85
N LEU A 226 5.32 12.45 -15.29
CA LEU A 226 4.78 11.10 -15.51
C LEU A 226 4.39 10.42 -14.20
N PRO A 227 5.27 10.29 -13.20
CA PRO A 227 4.83 9.64 -11.95
C PRO A 227 3.68 10.36 -11.26
N ALA A 228 3.51 11.65 -11.52
CA ALA A 228 2.34 12.35 -10.99
C ALA A 228 1.07 11.90 -11.70
N ILE A 229 1.12 11.73 -13.02
CA ILE A 229 -0.07 11.28 -13.74
C ILE A 229 -0.43 9.85 -13.38
N ILE A 230 0.58 9.02 -13.12
CA ILE A 230 0.30 7.64 -12.67
C ILE A 230 -0.39 7.66 -11.31
N GLY A 231 0.13 8.45 -10.38
CA GLY A 231 -0.51 8.55 -9.07
C GLY A 231 -1.95 9.03 -9.16
N GLY A 232 -2.20 10.03 -10.02
CA GLY A 232 -3.57 10.47 -10.23
C GLY A 232 -4.45 9.36 -10.78
N LEU A 233 -3.95 8.59 -11.75
CA LEU A 233 -4.78 7.55 -12.35
C LEU A 233 -5.07 6.42 -11.36
N ALA A 234 -4.12 6.11 -10.47
CA ALA A 234 -4.35 5.05 -9.50
C ALA A 234 -5.39 5.45 -8.48
N ILE A 235 -5.38 6.72 -8.06
CA ILE A 235 -6.43 7.22 -7.16
C ILE A 235 -7.79 7.12 -7.84
N ALA A 236 -7.88 7.59 -9.09
CA ALA A 236 -9.15 7.51 -9.82
C ALA A 236 -9.61 6.07 -9.99
N GLY A 237 -8.68 5.17 -10.31
CA GLY A 237 -9.07 3.78 -10.46
C GLY A 237 -9.41 3.12 -9.15
N ALA A 238 -8.64 3.40 -8.10
CA ALA A 238 -8.91 2.76 -6.82
C ALA A 238 -10.24 3.22 -6.22
N LEU A 239 -10.60 4.49 -6.44
CA LEU A 239 -11.90 4.98 -5.97
C LEU A 239 -13.04 4.27 -6.66
N GLY A 240 -12.88 3.95 -7.95
CA GLY A 240 -13.92 3.23 -8.65
C GLY A 240 -14.05 1.80 -8.15
N ILE A 241 -12.92 1.16 -7.84
CA ILE A 241 -12.96 -0.19 -7.28
C ILE A 241 -13.66 -0.18 -5.93
N MET A 242 -13.25 0.74 -5.04
CA MET A 242 -13.81 0.73 -3.70
C MET A 242 -15.29 1.10 -3.71
N ARG A 243 -15.71 1.94 -4.67
CA ARG A 243 -17.14 2.19 -4.83
C ARG A 243 -17.85 0.91 -5.25
N LEU A 244 -17.18 0.07 -6.03
CA LEU A 244 -17.75 -1.23 -6.41
C LEU A 244 -17.77 -2.18 -5.23
N VAL A 245 -16.71 -2.20 -4.41
CA VAL A 245 -16.73 -3.01 -3.20
C VAL A 245 -17.85 -2.56 -2.28
N ALA A 246 -18.17 -1.26 -2.28
CA ALA A 246 -19.25 -0.75 -1.46
C ALA A 246 -20.58 -1.41 -1.78
N GLU A 247 -20.77 -1.88 -3.02
CA GLU A 247 -22.02 -2.54 -3.39
C GLU A 247 -22.26 -3.81 -2.60
N PHE A 248 -21.20 -4.49 -2.17
CA PHE A 248 -21.29 -5.84 -1.65
C PHE A 248 -21.04 -5.95 -0.16
N THR A 249 -20.27 -5.04 0.43
CA THR A 249 -19.98 -5.06 1.85
C THR A 249 -19.71 -3.62 2.30
N PRO A 250 -20.09 -3.26 3.52
CA PRO A 250 -19.82 -1.89 4.00
C PRO A 250 -18.35 -1.53 3.92
N VAL A 251 -18.08 -0.27 3.63
CA VAL A 251 -16.72 0.25 3.47
C VAL A 251 -16.54 1.45 4.41
N HIS A 252 -15.57 1.35 5.31
CA HIS A 252 -15.43 2.36 6.34
C HIS A 252 -15.02 3.70 5.74
N PHE A 253 -15.35 4.77 6.46
CA PHE A 253 -14.91 6.12 6.10
C PHE A 253 -13.41 6.18 5.89
N PHE A 254 -12.65 5.65 6.85
CA PHE A 254 -11.19 5.67 6.85
C PHE A 254 -10.58 5.06 5.60
N ALA A 255 -11.37 4.42 4.73
CA ALA A 255 -10.81 3.81 3.54
C ALA A 255 -10.40 4.86 2.51
N GLN A 256 -11.17 5.94 2.39
CA GLN A 256 -10.86 6.99 1.42
C GLN A 256 -9.48 7.63 1.62
N PRO A 257 -9.08 8.03 2.84
CA PRO A 257 -7.73 8.57 2.98
C PRO A 257 -6.63 7.57 2.66
N VAL A 258 -6.91 6.27 2.80
CA VAL A 258 -5.94 5.23 2.47
C VAL A 258 -5.69 5.18 0.97
N VAL A 259 -6.75 5.33 0.17
CA VAL A 259 -6.56 5.44 -1.28
C VAL A 259 -5.63 6.61 -1.59
N THR A 260 -5.88 7.78 -0.99
CA THR A 260 -5.11 8.97 -1.36
C THR A 260 -3.63 8.82 -1.03
N LEU A 261 -3.37 8.22 0.10
CA LEU A 261 -2.04 7.99 0.57
C LEU A 261 -1.28 7.17 -0.38
N ILE A 262 -1.76 5.99 -0.64
CA ILE A 262 -1.07 5.06 -1.54
C ILE A 262 -0.97 5.65 -2.95
N GLY A 263 -2.04 6.28 -3.42
CA GLY A 263 -1.99 6.96 -4.70
C GLY A 263 -0.91 8.02 -4.78
N LEU A 264 -1.03 9.08 -3.98
CA LEU A 264 -0.01 10.14 -4.03
C LEU A 264 1.35 9.62 -3.60
N GLY A 265 1.39 8.55 -2.81
CA GLY A 265 2.64 8.11 -2.24
C GLY A 265 3.30 6.96 -2.97
N ILE A 266 2.66 5.78 -2.94
CA ILE A 266 3.31 4.59 -3.49
C ILE A 266 3.24 4.58 -5.01
N ALA A 267 2.08 4.89 -5.59
CA ALA A 267 1.98 4.94 -7.05
C ALA A 267 3.00 5.90 -7.64
N ILE A 268 3.06 7.12 -7.10
CA ILE A 268 4.01 8.10 -7.60
C ILE A 268 5.44 7.61 -7.39
N ASP A 269 5.70 6.94 -6.26
CA ASP A 269 7.03 6.38 -6.02
C ASP A 269 7.33 5.20 -6.94
N TYR A 270 6.33 4.41 -7.28
CA TYR A 270 6.54 3.33 -8.24
C TYR A 270 7.02 3.88 -9.58
N GLY A 271 6.33 4.91 -10.08
CA GLY A 271 6.71 5.49 -11.36
C GLY A 271 8.07 6.18 -11.33
N LEU A 272 8.41 6.78 -10.19
CA LEU A 272 9.74 7.37 -10.05
C LEU A 272 10.82 6.33 -10.28
N PHE A 273 10.64 5.12 -9.77
CA PHE A 273 11.67 4.09 -9.93
C PHE A 273 11.77 3.62 -11.36
N ILE A 274 10.65 3.63 -12.09
CA ILE A 274 10.63 3.09 -13.44
C ILE A 274 11.08 4.14 -14.45
N VAL A 275 10.55 5.37 -14.36
CA VAL A 275 11.02 6.42 -15.25
C VAL A 275 12.53 6.64 -15.07
N SER A 276 13.02 6.48 -13.84
CA SER A 276 14.45 6.61 -13.60
C SER A 276 15.23 5.48 -14.28
N ARG A 277 14.69 4.27 -14.29
CA ARG A 277 15.40 3.14 -14.90
C ARG A 277 15.37 3.22 -16.43
N PHE A 278 14.25 3.68 -17.00
CA PHE A 278 14.22 3.95 -18.43
C PHE A 278 15.29 4.96 -18.83
N ARG A 279 15.47 6.01 -18.01
CA ARG A 279 16.43 7.05 -18.35
C ARG A 279 17.86 6.50 -18.42
N GLU A 280 18.20 5.54 -17.54
CA GLU A 280 19.56 5.00 -17.53
C GLU A 280 19.82 4.15 -18.76
N GLU A 281 18.83 3.35 -19.16
CA GLU A 281 19.04 2.46 -20.29
C GLU A 281 19.15 3.23 -21.60
N ILE A 282 18.41 4.33 -21.74
CA ILE A 282 18.66 5.22 -22.85
C ILE A 282 20.11 5.71 -22.82
N ALA A 283 20.59 6.10 -21.63
CA ALA A 283 21.93 6.66 -21.49
C ALA A 283 23.00 5.65 -21.89
N GLU A 284 22.75 4.36 -21.70
CA GLU A 284 23.73 3.32 -22.02
C GLU A 284 23.68 2.88 -23.47
N GLY A 285 22.84 3.49 -24.30
CA GLY A 285 22.89 3.29 -25.74
C GLY A 285 21.80 2.41 -26.29
N TYR A 286 20.92 1.89 -25.45
CA TYR A 286 19.85 1.04 -25.94
C TYR A 286 18.80 1.85 -26.68
N ASP A 287 18.35 1.30 -27.80
CA ASP A 287 17.15 1.77 -28.45
C ASP A 287 16.00 1.79 -27.44
N THR A 288 14.93 2.53 -27.74
CA THR A 288 13.86 2.66 -26.75
C THR A 288 13.08 1.36 -26.57
N GLU A 289 12.86 0.59 -27.63
CA GLU A 289 12.12 -0.64 -27.42
C GLU A 289 12.97 -1.67 -26.70
N ALA A 290 14.29 -1.67 -26.91
CA ALA A 290 15.16 -2.38 -26.00
C ALA A 290 15.06 -1.80 -24.60
N ALA A 291 15.05 -0.47 -24.49
CA ALA A 291 15.02 0.17 -23.17
C ALA A 291 13.76 -0.20 -22.40
N VAL A 292 12.60 -0.19 -23.07
CA VAL A 292 11.36 -0.53 -22.38
C VAL A 292 11.39 -1.96 -21.87
N ARG A 293 11.97 -2.88 -22.64
CA ARG A 293 11.93 -4.28 -22.24
C ARG A 293 12.78 -4.53 -21.00
N ARG A 294 13.97 -3.91 -20.91
CA ARG A 294 14.85 -4.17 -19.79
C ARG A 294 14.45 -3.38 -18.54
N THR A 295 13.72 -2.28 -18.70
CA THR A 295 13.10 -1.63 -17.55
C THR A 295 12.08 -2.56 -16.89
N VAL A 296 11.21 -3.15 -17.71
CA VAL A 296 10.18 -4.05 -17.18
C VAL A 296 10.82 -5.28 -16.55
N MET A 297 11.87 -5.80 -17.18
CA MET A 297 12.49 -7.04 -16.71
C MET A 297 13.21 -6.87 -15.37
N THR A 298 13.52 -5.63 -14.97
CA THR A 298 14.26 -5.41 -13.72
C THR A 298 13.43 -4.62 -12.72
N SER A 299 13.21 -3.33 -12.94
CA SER A 299 12.43 -2.53 -12.00
C SER A 299 10.95 -2.89 -12.03
N GLY A 300 10.42 -3.23 -13.21
CA GLY A 300 9.03 -3.69 -13.26
C GLY A 300 8.83 -4.93 -12.43
N ARG A 301 9.79 -5.86 -12.48
CA ARG A 301 9.73 -7.03 -11.61
C ARG A 301 9.88 -6.61 -10.15
N THR A 302 10.76 -5.65 -9.87
CA THR A 302 10.90 -5.16 -8.50
C THR A 302 9.62 -4.50 -8.00
N VAL A 303 8.97 -3.71 -8.85
CA VAL A 303 7.73 -3.05 -8.44
C VAL A 303 6.63 -4.09 -8.23
N VAL A 304 6.55 -5.10 -9.10
CA VAL A 304 5.51 -6.11 -8.96
C VAL A 304 5.67 -6.85 -7.64
N PHE A 305 6.90 -7.27 -7.35
CA PHE A 305 7.13 -8.02 -6.13
C PHE A 305 7.00 -7.14 -4.90
N SER A 306 7.21 -5.83 -5.05
CA SER A 306 6.90 -4.90 -3.96
C SER A 306 5.40 -4.91 -3.67
N ALA A 307 4.59 -4.84 -4.73
CA ALA A 307 3.14 -4.83 -4.55
C ALA A 307 2.67 -6.09 -3.82
N VAL A 308 3.15 -7.26 -4.24
CA VAL A 308 2.68 -8.48 -3.59
C VAL A 308 3.16 -8.53 -2.15
N ILE A 309 4.34 -7.98 -1.85
CA ILE A 309 4.80 -7.93 -0.46
C ILE A 309 3.83 -7.12 0.39
N ILE A 310 3.46 -5.94 -0.08
CA ILE A 310 2.54 -5.09 0.67
C ILE A 310 1.20 -5.79 0.83
N VAL A 311 0.72 -6.44 -0.24
CA VAL A 311 -0.49 -7.25 -0.11
C VAL A 311 -0.29 -8.35 0.92
N ALA A 312 0.86 -9.03 0.88
CA ALA A 312 1.17 -10.05 1.87
C ALA A 312 1.22 -9.49 3.29
N SER A 313 1.35 -8.17 3.43
CA SER A 313 1.41 -7.57 4.75
C SER A 313 0.07 -7.03 5.23
N SER A 314 -0.85 -6.74 4.31
CA SER A 314 -2.16 -6.21 4.68
C SER A 314 -3.23 -7.28 4.77
N VAL A 315 -3.08 -8.37 4.00
CA VAL A 315 -4.05 -9.46 4.08
C VAL A 315 -4.20 -10.01 5.48
N PRO A 316 -3.14 -10.16 6.30
CA PRO A 316 -3.33 -10.69 7.67
C PRO A 316 -4.34 -9.94 8.54
N LEU A 317 -4.58 -8.65 8.26
CA LEU A 317 -5.60 -7.90 9.00
C LEU A 317 -7.00 -8.43 8.75
N LEU A 318 -7.21 -9.23 7.71
CA LEU A 318 -8.51 -9.85 7.52
C LEU A 318 -8.85 -10.87 8.61
N LEU A 319 -7.89 -11.21 9.47
CA LEU A 319 -8.19 -12.09 10.59
C LEU A 319 -8.96 -11.37 11.69
N PHE A 320 -8.81 -10.06 11.79
CA PHE A 320 -9.54 -9.31 12.79
C PHE A 320 -10.97 -9.07 12.31
N PRO A 321 -11.94 -9.03 13.23
CA PRO A 321 -13.34 -8.95 12.82
C PRO A 321 -13.83 -7.55 12.47
N GLN A 322 -13.18 -6.50 12.96
CA GLN A 322 -13.67 -5.15 12.76
C GLN A 322 -13.80 -4.83 11.28
N GLY A 323 -15.02 -4.46 10.85
CA GLY A 323 -15.20 -4.01 9.48
C GLY A 323 -14.31 -2.84 9.11
N PHE A 324 -13.83 -2.11 10.12
CA PHE A 324 -12.90 -1.01 9.91
C PHE A 324 -11.59 -1.52 9.33
N LEU A 325 -11.00 -2.56 9.93
CA LEU A 325 -9.74 -3.10 9.42
C LEU A 325 -9.94 -3.80 8.07
N LYS A 326 -11.12 -4.35 7.80
CA LYS A 326 -11.32 -5.02 6.52
C LYS A 326 -11.42 -4.02 5.38
N SER A 327 -12.17 -2.92 5.58
CA SER A 327 -12.23 -1.88 4.54
C SER A 327 -10.84 -1.35 4.21
N ILE A 328 -10.08 -1.00 5.24
CA ILE A 328 -8.71 -0.55 5.04
C ILE A 328 -7.90 -1.59 4.29
N THR A 329 -8.07 -2.86 4.63
CA THR A 329 -7.33 -3.91 3.93
C THR A 329 -7.68 -3.94 2.45
N TYR A 330 -8.97 -3.87 2.14
CA TYR A 330 -9.38 -3.87 0.74
C TYR A 330 -8.81 -2.66 0.01
N ALA A 331 -8.73 -1.52 0.69
CA ALA A 331 -8.27 -0.30 0.02
C ALA A 331 -6.77 -0.36 -0.24
N ILE A 332 -5.99 -0.89 0.70
CA ILE A 332 -4.57 -1.11 0.45
C ILE A 332 -4.38 -2.04 -0.75
N ILE A 333 -5.07 -3.17 -0.74
CA ILE A 333 -4.93 -4.16 -1.80
C ILE A 333 -5.24 -3.52 -3.16
N ALA A 334 -6.40 -2.88 -3.27
CA ALA A 334 -6.81 -2.33 -4.55
C ALA A 334 -5.83 -1.27 -5.04
N SER A 335 -5.55 -0.27 -4.20
CA SER A 335 -4.67 0.83 -4.57
C SER A 335 -3.28 0.33 -4.98
N VAL A 336 -2.69 -0.56 -4.17
CA VAL A 336 -1.28 -0.89 -4.33
C VAL A 336 -1.03 -1.57 -5.66
N MET A 337 -1.82 -2.60 -6.00
CA MET A 337 -1.52 -3.30 -7.24
C MET A 337 -2.07 -2.57 -8.45
N LEU A 338 -3.14 -1.78 -8.28
CA LEU A 338 -3.49 -0.89 -9.38
C LEU A 338 -2.34 0.05 -9.70
N ALA A 339 -1.56 0.44 -8.68
CA ALA A 339 -0.39 1.25 -8.94
C ALA A 339 0.72 0.43 -9.59
N ALA A 340 0.90 -0.83 -9.17
CA ALA A 340 1.88 -1.68 -9.82
C ALA A 340 1.48 -1.94 -11.27
N ILE A 341 0.23 -2.35 -11.49
CA ILE A 341 -0.24 -2.61 -12.86
C ILE A 341 -0.15 -1.35 -13.71
N LEU A 342 -0.56 -0.21 -13.15
CA LEU A 342 -0.48 1.05 -13.90
C LEU A 342 0.96 1.37 -14.26
N SER A 343 1.89 1.11 -13.36
CA SER A 343 3.27 1.53 -13.59
C SER A 343 3.96 0.70 -14.66
N ILE A 344 3.50 -0.52 -14.92
CA ILE A 344 4.08 -1.36 -15.97
C ILE A 344 3.17 -1.49 -17.19
N THR A 345 2.06 -0.73 -17.23
CA THR A 345 1.24 -0.69 -18.43
C THR A 345 1.16 0.73 -18.96
N VAL A 346 0.33 1.57 -18.35
CA VAL A 346 0.15 2.95 -18.82
C VAL A 346 1.50 3.65 -18.93
N LEU A 347 2.30 3.55 -17.88
CA LEU A 347 3.56 4.29 -17.84
C LEU A 347 4.54 3.75 -18.87
N ALA A 348 4.72 2.42 -18.91
CA ALA A 348 5.68 1.84 -19.84
C ALA A 348 5.31 2.17 -21.29
N ALA A 349 4.04 2.01 -21.63
CA ALA A 349 3.56 2.39 -22.96
C ALA A 349 3.92 3.84 -23.28
N ALA A 350 3.70 4.75 -22.33
CA ALA A 350 4.09 6.13 -22.54
C ALA A 350 5.57 6.24 -22.87
N LEU A 351 6.43 5.62 -22.03
CA LEU A 351 7.86 5.68 -22.30
C LEU A 351 8.21 5.06 -23.64
N ALA A 352 7.51 3.99 -24.05
CA ALA A 352 7.74 3.40 -25.35
C ALA A 352 7.36 4.33 -26.50
N ILE A 353 6.43 5.25 -26.26
CA ILE A 353 6.02 6.20 -27.30
C ILE A 353 7.01 7.34 -27.42
N LEU A 354 7.40 7.92 -26.27
CA LEU A 354 8.19 9.15 -26.27
C LEU A 354 9.67 8.85 -26.45
N GLY A 355 10.24 7.96 -25.65
CA GLY A 355 11.64 7.63 -25.77
C GLY A 355 12.53 8.67 -25.14
N PRO A 356 13.56 9.11 -25.86
CA PRO A 356 14.48 10.10 -25.29
C PRO A 356 13.86 11.46 -25.03
N ARG A 357 12.64 11.73 -25.52
CA ARG A 357 12.05 13.04 -25.27
C ARG A 357 11.42 13.17 -23.89
N VAL A 358 11.64 12.20 -23.00
CA VAL A 358 11.27 12.43 -21.61
C VAL A 358 12.23 13.44 -20.98
N ASP A 359 13.38 13.66 -21.59
CA ASP A 359 14.35 14.65 -21.14
C ASP A 359 14.36 15.88 -22.04
N ALA A 360 13.19 16.30 -22.52
CA ALA A 360 13.13 17.30 -23.57
C ALA A 360 12.91 18.74 -23.09
N LEU A 361 12.34 18.94 -21.90
CA LEU A 361 11.96 20.28 -21.46
C LEU A 361 12.59 20.65 -20.12
N GLY A 362 12.64 21.95 -19.83
CA GLY A 362 13.18 22.44 -18.56
C GLY A 362 12.43 23.65 -18.04
N PRO A 414 31.97 -0.62 9.95
CA PRO A 414 32.32 -1.70 10.88
C PRO A 414 31.36 -1.79 12.06
N ILE A 415 31.81 -2.43 13.15
CA ILE A 415 31.04 -2.44 14.39
C ILE A 415 30.94 -1.03 14.99
N ALA A 416 31.77 -0.10 14.51
CA ALA A 416 31.79 1.25 15.05
C ALA A 416 30.49 2.01 14.78
N PHE A 417 29.67 1.54 13.84
CA PHE A 417 28.42 2.22 13.53
C PHE A 417 27.19 1.33 13.67
N ALA A 418 27.33 0.00 13.57
CA ALA A 418 26.19 -0.87 13.83
C ALA A 418 25.87 -0.93 15.32
N ALA A 419 26.90 -0.93 16.17
CA ALA A 419 26.69 -0.98 17.62
C ALA A 419 26.00 0.27 18.15
N PRO A 420 26.59 1.49 18.02
CA PRO A 420 25.97 2.65 18.67
C PRO A 420 24.65 3.07 18.02
N ILE A 421 24.12 2.20 17.15
CA ILE A 421 22.82 2.41 16.54
C ILE A 421 21.82 1.35 16.98
N LEU A 422 22.25 0.08 17.07
CA LEU A 422 21.41 -0.94 17.68
C LEU A 422 21.16 -0.65 19.15
N VAL A 423 22.10 0.02 19.82
CA VAL A 423 21.89 0.42 21.21
C VAL A 423 20.68 1.33 21.33
N VAL A 424 20.56 2.28 20.40
CA VAL A 424 19.51 3.31 20.51
C VAL A 424 18.19 2.88 19.88
N MET A 425 18.08 1.65 19.40
CA MET A 425 16.81 1.21 18.83
C MET A 425 16.15 0.10 19.65
N VAL A 426 16.93 -0.66 20.41
CA VAL A 426 16.40 -1.33 21.59
C VAL A 426 16.24 -0.33 22.74
N LEU A 427 16.89 0.85 22.67
CA LEU A 427 16.58 1.98 23.56
C LEU A 427 15.10 2.30 23.54
N LEU A 428 14.49 2.34 22.34
CA LEU A 428 13.15 2.89 22.15
C LEU A 428 12.03 1.84 22.17
N ILE A 429 12.37 0.55 22.15
CA ILE A 429 11.34 -0.45 21.91
C ILE A 429 10.40 -0.55 23.11
N ILE A 430 10.95 -0.28 24.28
CA ILE A 430 10.21 -0.52 25.48
C ILE A 430 9.34 0.51 26.15
N PRO A 431 9.31 1.75 25.64
CA PRO A 431 8.40 2.74 26.18
C PRO A 431 7.05 2.09 26.06
N LEU A 432 7.03 1.06 25.24
CA LEU A 432 5.83 0.23 25.25
C LEU A 432 5.72 -0.50 26.59
N GLY A 433 4.50 -0.87 26.94
CA GLY A 433 4.15 -1.24 28.28
C GLY A 433 3.44 -0.14 29.02
N GLN A 434 3.69 1.11 28.61
CA GLN A 434 2.79 2.22 28.89
C GLN A 434 1.58 2.21 27.97
N LEU A 435 1.59 1.34 26.96
CA LEU A 435 0.54 1.30 25.95
C LEU A 435 -0.80 0.89 26.58
N SER A 436 -1.80 1.75 26.40
CA SER A 436 -3.17 1.46 26.82
C SER A 436 -4.10 1.73 25.64
N LEU A 437 -5.26 1.10 25.68
CA LEU A 437 -6.22 1.15 24.59
C LEU A 437 -7.58 1.60 25.10
N GLY A 438 -8.36 2.23 24.22
CA GLY A 438 -9.63 2.78 24.61
C GLY A 438 -10.59 2.89 23.45
N GLY A 439 -11.79 3.40 23.77
CA GLY A 439 -12.80 3.63 22.76
C GLY A 439 -12.81 5.07 22.28
N ILE A 440 -13.78 5.36 21.42
CA ILE A 440 -13.91 6.71 20.89
C ILE A 440 -14.55 7.58 21.95
N SER A 441 -13.88 8.67 22.28
CA SER A 441 -14.44 9.74 23.07
C SER A 441 -14.36 11.02 22.26
N GLU A 442 -14.92 12.08 22.83
CA GLU A 442 -14.76 13.41 22.25
C GLU A 442 -13.30 13.87 22.27
N LYS A 443 -12.44 13.21 23.05
CA LYS A 443 -11.03 13.59 23.09
C LYS A 443 -10.27 13.26 21.81
N TYR A 444 -10.89 12.57 20.86
CA TYR A 444 -10.24 12.34 19.57
C TYR A 444 -10.10 13.60 18.75
N LEU A 445 -10.78 14.67 19.14
CA LEU A 445 -10.73 16.00 18.56
C LEU A 445 -9.79 16.90 19.35
N PRO A 446 -9.29 17.97 18.73
CA PRO A 446 -8.39 18.87 19.43
C PRO A 446 -9.12 19.60 20.55
N PRO A 447 -8.41 20.01 21.59
CA PRO A 447 -9.09 20.59 22.77
C PRO A 447 -9.84 21.89 22.49
N ASP A 448 -9.44 22.65 21.48
CA ASP A 448 -10.12 23.90 21.15
C ASP A 448 -11.27 23.70 20.17
N ASN A 449 -11.52 22.45 19.76
CA ASN A 449 -12.63 22.17 18.85
C ASN A 449 -13.96 22.44 19.55
N ALA A 450 -14.86 23.11 18.84
CA ALA A 450 -16.06 23.66 19.48
C ALA A 450 -17.00 22.56 19.98
N VAL A 451 -17.27 21.54 19.16
CA VAL A 451 -18.26 20.56 19.60
C VAL A 451 -17.72 19.71 20.75
N ARG A 452 -16.43 19.37 20.72
CA ARG A 452 -15.85 18.69 21.89
C ARG A 452 -16.05 19.53 23.15
N GLN A 453 -15.89 20.85 23.03
CA GLN A 453 -16.13 21.75 24.14
C GLN A 453 -17.59 21.80 24.55
N SER A 454 -18.51 21.65 23.59
CA SER A 454 -19.92 21.57 23.94
C SER A 454 -20.20 20.33 24.75
N GLN A 455 -19.58 19.20 24.39
CA GLN A 455 -19.75 17.98 25.16
C GLN A 455 -19.15 18.12 26.54
N GLU A 456 -17.95 18.71 26.62
CA GLU A 456 -17.26 18.80 27.90
C GLU A 456 -17.97 19.75 28.85
N GLN A 457 -18.71 20.73 28.31
CA GLN A 457 -19.51 21.57 29.19
C GLN A 457 -20.89 21.00 29.40
N PHE A 458 -21.39 20.15 28.49
CA PHE A 458 -22.59 19.40 28.84
C PHE A 458 -22.35 18.57 30.09
N ASP A 459 -21.24 17.83 30.12
CA ASP A 459 -20.96 16.97 31.26
C ASP A 459 -20.54 17.73 32.50
N LYS A 460 -20.23 19.03 32.39
CA LYS A 460 -19.96 19.85 33.55
C LYS A 460 -21.22 20.47 34.13
N LEU A 461 -22.13 20.93 33.27
CA LEU A 461 -23.34 21.58 33.75
C LEU A 461 -24.39 20.58 34.17
N PHE A 462 -24.44 19.42 33.53
CA PHE A 462 -25.44 18.40 33.81
C PHE A 462 -24.75 17.05 34.03
N PRO A 463 -24.13 16.86 35.19
CA PRO A 463 -23.41 15.60 35.45
C PRO A 463 -24.37 14.46 35.73
N GLY A 464 -23.92 13.25 35.39
CA GLY A 464 -24.65 12.04 35.69
C GLY A 464 -25.61 11.57 34.63
N PHE A 465 -25.86 12.36 33.59
CA PHE A 465 -26.71 11.88 32.50
C PHE A 465 -25.96 11.00 31.51
N ARG A 466 -24.65 11.23 31.37
CA ARG A 466 -23.82 10.44 30.48
C ARG A 466 -23.43 9.15 31.19
N THR A 467 -23.84 8.00 30.65
CA THR A 467 -23.67 6.72 31.33
C THR A 467 -23.26 5.66 30.33
N GLU A 468 -22.65 4.60 30.84
CA GLU A 468 -22.26 3.44 30.05
C GLU A 468 -22.66 2.17 30.80
N PRO A 469 -23.96 1.97 31.00
CA PRO A 469 -24.40 0.82 31.82
C PRO A 469 -24.02 -0.50 31.17
N LEU A 470 -23.61 -1.44 32.00
CA LEU A 470 -23.42 -2.80 31.53
C LEU A 470 -24.75 -3.54 31.57
N THR A 471 -24.93 -4.43 30.61
CA THR A 471 -26.25 -4.95 30.28
C THR A 471 -26.25 -6.46 30.41
N LEU A 472 -27.26 -7.02 31.07
CA LEU A 472 -27.48 -8.45 31.06
C LEU A 472 -28.78 -8.70 30.28
N VAL A 473 -28.64 -8.99 28.99
CA VAL A 473 -29.75 -9.40 28.14
C VAL A 473 -30.01 -10.88 28.39
N MET A 474 -31.20 -11.19 28.91
CA MET A 474 -31.62 -12.57 29.13
C MET A 474 -32.72 -12.95 28.15
N LYS A 475 -32.64 -14.17 27.62
CA LYS A 475 -33.70 -14.67 26.75
C LYS A 475 -33.91 -16.17 26.98
N ARG A 476 -35.18 -16.58 27.00
CA ARG A 476 -35.57 -17.99 27.11
C ARG A 476 -36.20 -18.45 25.80
N GLU A 477 -35.49 -19.29 25.04
CA GLU A 477 -36.01 -19.77 23.76
C GLU A 477 -37.23 -20.69 23.91
N ASP A 478 -37.69 -20.93 25.14
CA ASP A 478 -39.00 -21.52 25.35
C ASP A 478 -40.08 -20.68 24.67
N GLY A 479 -39.88 -19.37 24.57
CA GLY A 479 -40.75 -18.47 23.84
C GLY A 479 -41.80 -17.77 24.71
N GLU A 480 -42.16 -18.37 25.84
CA GLU A 480 -43.15 -17.84 26.76
C GLU A 480 -42.49 -16.86 27.74
N PRO A 481 -43.28 -15.98 28.38
CA PRO A 481 -42.69 -14.85 29.11
C PRO A 481 -41.67 -15.25 30.17
N ILE A 482 -40.79 -14.31 30.49
CA ILE A 482 -39.90 -14.40 31.64
C ILE A 482 -40.63 -13.84 32.85
N THR A 483 -40.89 -14.69 33.84
CA THR A 483 -41.69 -14.25 34.98
C THR A 483 -40.87 -13.35 35.89
N ASP A 484 -41.58 -12.71 36.83
CA ASP A 484 -40.94 -11.77 37.75
C ASP A 484 -39.97 -12.48 38.68
N ALA A 485 -40.20 -13.75 38.98
CA ALA A 485 -39.27 -14.48 39.84
C ALA A 485 -37.95 -14.76 39.14
N GLN A 486 -37.98 -14.93 37.81
CA GLN A 486 -36.74 -15.21 37.09
C GLN A 486 -35.84 -13.98 37.03
N ILE A 487 -36.42 -12.78 36.90
CA ILE A 487 -35.55 -11.60 36.92
C ILE A 487 -35.13 -11.25 38.34
N ALA A 488 -36.03 -11.44 39.32
CA ALA A 488 -35.60 -11.34 40.72
C ALA A 488 -34.48 -12.34 41.00
N ASP A 489 -34.55 -13.53 40.39
CA ASP A 489 -33.45 -14.49 40.43
C ASP A 489 -32.19 -13.85 39.85
N MET A 490 -32.23 -13.44 38.58
CA MET A 490 -31.02 -12.94 37.93
C MET A 490 -30.51 -11.68 38.62
N ARG A 491 -31.41 -10.82 39.09
CA ARG A 491 -31.00 -9.65 39.87
C ARG A 491 -30.15 -10.07 41.06
N ALA A 492 -30.64 -11.02 41.85
CA ALA A 492 -29.91 -11.48 43.03
C ALA A 492 -28.53 -11.97 42.66
N LYS A 493 -28.42 -12.75 41.58
CA LYS A 493 -27.10 -13.19 41.14
C LYS A 493 -26.23 -12.02 40.73
N ALA A 494 -26.83 -10.90 40.31
CA ALA A 494 -26.03 -9.77 39.84
C ALA A 494 -25.47 -8.96 41.01
N LEU A 495 -26.28 -8.72 42.04
CA LEU A 495 -25.78 -8.05 43.25
C LEU A 495 -24.68 -8.85 43.94
N THR A 496 -24.50 -10.13 43.56
CA THR A 496 -23.34 -10.91 43.99
C THR A 496 -22.04 -10.18 43.69
N VAL A 497 -21.91 -9.64 42.48
CA VAL A 497 -20.64 -9.05 42.03
C VAL A 497 -20.55 -7.62 42.53
N SER A 498 -19.39 -7.28 43.10
CA SER A 498 -19.16 -5.95 43.64
C SER A 498 -18.73 -4.99 42.55
N GLY A 499 -18.83 -3.70 42.84
CA GLY A 499 -18.33 -2.66 41.98
C GLY A 499 -19.35 -1.86 41.19
N PHE A 500 -20.64 -1.93 41.55
CA PHE A 500 -21.70 -1.27 40.81
C PHE A 500 -22.31 -0.15 41.65
N THR A 501 -23.10 0.70 40.99
CA THR A 501 -23.51 1.99 41.54
C THR A 501 -24.88 1.92 42.21
N ASP A 502 -24.95 2.45 43.44
CA ASP A 502 -26.20 2.67 44.19
C ASP A 502 -26.38 4.11 44.62
N PRO A 503 -26.93 4.97 43.75
CA PRO A 503 -27.39 6.27 44.24
C PRO A 503 -28.52 6.16 45.27
N ASP A 504 -29.03 4.96 45.56
CA ASP A 504 -30.12 4.77 46.50
C ASP A 504 -29.70 4.12 47.81
N ASN A 505 -28.43 3.74 47.95
CA ASN A 505 -27.94 2.94 49.07
C ASN A 505 -28.80 1.70 49.30
N ASP A 506 -29.48 1.24 48.27
CA ASP A 506 -30.49 0.19 48.37
C ASP A 506 -30.26 -0.84 47.27
N PRO A 507 -29.89 -2.07 47.61
CA PRO A 507 -29.75 -3.10 46.57
C PRO A 507 -31.05 -3.42 45.85
N GLU A 508 -32.21 -3.19 46.48
CA GLU A 508 -33.48 -3.49 45.83
C GLU A 508 -33.77 -2.59 44.64
N LYS A 509 -33.07 -1.46 44.52
CA LYS A 509 -33.29 -0.52 43.43
C LYS A 509 -32.15 -0.53 42.41
N MET A 510 -31.34 -1.59 42.42
CA MET A 510 -30.29 -1.80 41.44
C MET A 510 -30.82 -2.62 40.26
N TRP A 511 -30.03 -2.66 39.19
CA TRP A 511 -30.31 -3.46 38.01
C TRP A 511 -31.75 -3.28 37.55
N LYS A 512 -32.13 -2.03 37.37
CA LYS A 512 -33.45 -1.71 36.85
C LYS A 512 -33.56 -2.19 35.41
N GLU A 513 -34.80 -2.31 34.95
CA GLU A 513 -35.02 -2.70 33.57
C GLU A 513 -34.59 -1.58 32.63
N ARG A 514 -34.14 -1.96 31.44
CA ARG A 514 -33.82 -0.98 30.42
C ARG A 514 -35.10 -0.27 29.99
N PRO A 515 -35.03 1.03 29.69
CA PRO A 515 -36.21 1.73 29.19
C PRO A 515 -36.61 1.20 27.82
N ALA A 516 -37.92 1.29 27.53
CA ALA A 516 -38.47 0.73 26.30
C ALA A 516 -39.29 1.77 25.56
N ASN A 517 -39.19 1.79 24.23
CA ASN A 517 -39.94 2.75 23.41
C ASN A 517 -40.62 2.10 22.21
N ASP A 518 -41.25 2.93 21.37
CA ASP A 518 -42.14 2.43 20.32
C ASP A 518 -41.41 1.58 19.29
N SER A 519 -40.11 1.80 19.10
CA SER A 519 -39.38 1.03 18.10
C SER A 519 -39.18 -0.42 18.50
N GLY A 520 -39.50 -0.78 19.74
CA GLY A 520 -39.17 -2.10 20.26
C GLY A 520 -40.31 -3.09 20.07
N SER A 521 -39.95 -4.33 19.75
CA SER A 521 -40.97 -5.35 19.51
C SER A 521 -41.76 -5.64 20.78
N LYS A 522 -41.11 -5.60 21.95
CA LYS A 522 -41.72 -5.86 23.26
C LYS A 522 -42.09 -7.33 23.43
N ASP A 523 -41.27 -8.22 22.89
CA ASP A 523 -41.46 -9.65 23.10
C ASP A 523 -41.33 -9.98 24.58
N PRO A 524 -42.27 -10.74 25.17
CA PRO A 524 -42.15 -11.07 26.59
C PRO A 524 -41.05 -12.05 26.93
N SER A 525 -40.54 -12.81 25.95
CA SER A 525 -39.54 -13.84 26.22
C SER A 525 -38.13 -13.29 26.35
N VAL A 526 -37.99 -11.99 26.56
CA VAL A 526 -36.67 -11.35 26.63
C VAL A 526 -36.77 -10.17 27.58
N ARG A 527 -35.80 -10.06 28.47
CA ARG A 527 -35.74 -8.95 29.40
C ARG A 527 -34.29 -8.51 29.53
N VAL A 528 -34.11 -7.21 29.69
CA VAL A 528 -32.79 -6.62 29.88
C VAL A 528 -32.79 -5.89 31.22
N ILE A 529 -31.77 -6.15 32.02
CA ILE A 529 -31.51 -5.29 33.17
C ILE A 529 -30.10 -4.75 33.00
N GLN A 530 -29.90 -3.52 33.48
CA GLN A 530 -28.65 -2.80 33.27
C GLN A 530 -28.31 -2.02 34.52
N ASN A 531 -27.01 -1.74 34.67
CA ASN A 531 -26.57 -0.87 35.73
C ASN A 531 -25.19 -0.34 35.37
N GLY A 532 -25.00 0.96 35.61
CA GLY A 532 -23.71 1.58 35.38
C GLY A 532 -22.62 0.94 36.21
N LEU A 533 -21.38 1.25 35.83
CA LEU A 533 -20.20 0.78 36.54
C LEU A 533 -19.60 1.94 37.33
N GLU A 534 -18.91 1.61 38.42
CA GLU A 534 -18.33 2.65 39.26
C GLU A 534 -16.86 2.94 38.97
N ASN A 535 -16.19 2.06 38.23
CA ASN A 535 -14.87 2.37 37.69
C ASN A 535 -14.69 1.58 36.40
N ARG A 536 -14.61 2.28 35.26
CA ARG A 536 -14.60 1.57 33.99
C ARG A 536 -13.30 0.82 33.75
N ASN A 537 -12.23 1.12 34.47
CA ASN A 537 -11.05 0.28 34.33
C ASN A 537 -11.23 -1.09 34.95
N ASP A 538 -12.30 -1.30 35.71
CA ASP A 538 -12.67 -2.61 36.22
C ASP A 538 -13.53 -3.41 35.25
N ALA A 539 -13.82 -2.86 34.07
CA ALA A 539 -14.89 -3.40 33.24
C ALA A 539 -14.54 -4.79 32.72
N ALA A 540 -13.31 -4.98 32.23
CA ALA A 540 -12.95 -6.23 31.57
C ALA A 540 -13.17 -7.43 32.49
N LYS A 541 -12.78 -7.30 33.76
CA LYS A 541 -12.91 -8.41 34.70
C LYS A 541 -14.35 -8.56 35.17
N LYS A 542 -15.00 -7.45 35.53
CA LYS A 542 -16.41 -7.53 35.89
C LYS A 542 -17.21 -8.23 34.79
N ILE A 543 -17.02 -7.83 33.52
CA ILE A 543 -17.75 -8.46 32.44
C ILE A 543 -17.54 -9.97 32.46
N ASP A 544 -16.29 -10.41 32.59
CA ASP A 544 -16.02 -11.84 32.74
C ASP A 544 -16.75 -12.44 33.94
N GLU A 545 -16.97 -11.63 34.99
CA GLU A 545 -17.63 -12.16 36.19
C GLU A 545 -19.13 -12.33 35.99
N LEU A 546 -19.78 -11.38 35.32
CA LEU A 546 -21.23 -11.50 35.10
C LEU A 546 -21.55 -12.64 34.14
N ARG A 547 -20.69 -12.90 33.17
CA ARG A 547 -20.86 -14.07 32.31
C ARG A 547 -20.63 -15.37 33.05
N ALA A 548 -19.81 -15.37 34.11
CA ALA A 548 -19.57 -16.56 34.90
C ALA A 548 -20.79 -17.00 35.67
N LEU A 549 -21.73 -16.09 35.92
CA LEU A 549 -22.95 -16.45 36.61
C LEU A 549 -23.72 -17.50 35.81
N GLN A 550 -24.08 -18.58 36.48
CA GLN A 550 -24.94 -19.57 35.88
C GLN A 550 -26.33 -18.96 35.79
N PRO A 551 -26.92 -18.89 34.61
CA PRO A 551 -28.20 -18.21 34.45
C PRO A 551 -29.30 -19.02 35.12
N PRO A 552 -30.50 -18.44 35.31
CA PRO A 552 -31.66 -19.27 35.71
C PRO A 552 -31.87 -20.45 34.77
N HIS A 553 -32.94 -21.22 34.94
CA HIS A 553 -33.09 -22.44 34.14
C HIS A 553 -33.86 -22.14 32.86
N GLY A 554 -33.22 -22.41 31.73
CA GLY A 554 -33.86 -22.22 30.44
C GLY A 554 -33.67 -20.85 29.83
N ILE A 555 -32.71 -20.07 30.30
CA ILE A 555 -32.49 -18.74 29.75
C ILE A 555 -31.02 -18.62 29.40
N GLU A 556 -30.73 -17.80 28.39
CA GLU A 556 -29.39 -17.47 27.95
C GLU A 556 -29.18 -15.99 28.20
N VAL A 557 -28.05 -15.63 28.79
CA VAL A 557 -27.80 -14.25 29.21
C VAL A 557 -26.60 -13.69 28.46
N PHE A 558 -26.83 -12.63 27.68
CA PHE A 558 -25.79 -11.90 26.97
C PHE A 558 -25.44 -10.63 27.73
N VAL A 559 -24.14 -10.36 27.86
CA VAL A 559 -23.65 -9.18 28.56
C VAL A 559 -23.37 -8.06 27.57
N GLY A 560 -24.05 -6.92 27.73
CA GLY A 560 -23.94 -5.83 26.79
C GLY A 560 -23.46 -4.52 27.39
N GLY A 561 -23.71 -3.41 26.71
CA GLY A 561 -23.25 -2.10 27.15
C GLY A 561 -21.99 -1.67 26.43
N THR A 562 -21.81 -0.35 26.29
CA THR A 562 -20.64 0.13 25.55
C THR A 562 -19.33 -0.36 26.14
N PRO A 563 -19.14 -0.46 27.47
CA PRO A 563 -17.90 -1.07 27.95
C PRO A 563 -17.76 -2.53 27.59
N ALA A 564 -18.86 -3.26 27.41
CA ALA A 564 -18.76 -4.64 26.94
C ALA A 564 -18.40 -4.69 25.47
N LEU A 565 -19.04 -3.86 24.64
CA LEU A 565 -18.66 -3.78 23.23
C LEU A 565 -17.18 -3.40 23.10
N GLU A 566 -16.77 -2.34 23.80
CA GLU A 566 -15.38 -1.89 23.69
C GLU A 566 -14.41 -2.99 24.14
N GLN A 567 -14.68 -3.59 25.31
CA GLN A 567 -13.77 -4.61 25.86
C GLN A 567 -13.74 -5.86 25.00
N ASP A 568 -14.90 -6.31 24.52
CA ASP A 568 -14.91 -7.49 23.66
C ASP A 568 -14.10 -7.27 22.40
N SER A 569 -14.17 -6.04 21.85
CA SER A 569 -13.35 -5.71 20.69
C SER A 569 -11.87 -5.86 21.00
N ILE A 570 -11.41 -5.32 22.14
CA ILE A 570 -10.01 -5.41 22.52
C ILE A 570 -9.59 -6.87 22.70
N HIS A 571 -10.45 -7.71 23.25
CA HIS A 571 -10.06 -9.11 23.47
C HIS A 571 -9.84 -9.85 22.16
N SER A 572 -10.56 -9.47 21.10
CA SER A 572 -10.38 -10.15 19.82
C SER A 572 -9.04 -9.84 19.19
N LEU A 573 -8.52 -8.62 19.39
CA LEU A 573 -7.24 -8.25 18.80
C LEU A 573 -6.10 -9.04 19.43
N PHE A 574 -5.96 -8.95 20.76
CA PHE A 574 -4.93 -9.72 21.46
C PHE A 574 -5.09 -11.22 21.23
N ASP A 575 -6.27 -11.69 20.84
CA ASP A 575 -6.47 -13.12 20.63
C ASP A 575 -5.96 -13.58 19.28
N LYS A 576 -6.03 -12.72 18.25
CA LYS A 576 -5.57 -13.05 16.91
C LYS A 576 -4.26 -12.35 16.57
N LEU A 577 -3.75 -11.49 17.44
CA LEU A 577 -2.47 -10.84 17.17
C LEU A 577 -1.29 -11.81 17.09
N PRO A 578 -1.21 -12.88 17.88
CA PRO A 578 -0.09 -13.83 17.69
C PRO A 578 -0.01 -14.39 16.28
N LEU A 579 -1.10 -14.98 15.78
CA LEU A 579 -1.06 -15.59 14.46
C LEU A 579 -0.80 -14.54 13.37
N MET A 580 -1.44 -13.38 13.47
CA MET A 580 -1.22 -12.31 12.50
C MET A 580 0.26 -11.99 12.36
N ALA A 581 0.97 -11.90 13.49
CA ALA A 581 2.40 -11.64 13.45
C ALA A 581 3.15 -12.77 12.75
N LEU A 582 2.69 -14.01 12.92
CA LEU A 582 3.39 -15.14 12.33
C LEU A 582 3.21 -15.17 10.81
N ILE A 583 1.96 -15.23 10.34
CA ILE A 583 1.68 -15.20 8.90
C ILE A 583 2.46 -14.10 8.23
N LEU A 584 2.36 -12.89 8.78
CA LEU A 584 2.92 -11.71 8.15
C LEU A 584 4.42 -11.88 7.87
N ILE A 585 5.20 -12.16 8.92
CA ILE A 585 6.65 -12.17 8.73
C ILE A 585 7.12 -13.39 7.95
N VAL A 586 6.43 -14.54 8.04
CA VAL A 586 6.87 -15.70 7.25
C VAL A 586 6.64 -15.47 5.77
N THR A 587 5.45 -15.02 5.38
CA THR A 587 5.17 -14.85 3.95
C THR A 587 6.05 -13.76 3.35
N THR A 588 6.27 -12.67 4.08
CA THR A 588 7.22 -11.69 3.60
C THR A 588 8.62 -12.30 3.51
N THR A 589 9.00 -13.10 4.51
CA THR A 589 10.31 -13.73 4.45
C THR A 589 10.43 -14.65 3.24
N VAL A 590 9.50 -15.59 3.10
CA VAL A 590 9.53 -16.49 1.95
C VAL A 590 9.56 -15.70 0.66
N LEU A 591 8.82 -14.59 0.60
CA LEU A 591 8.78 -13.81 -0.63
C LEU A 591 10.18 -13.31 -1.00
N MET A 592 10.87 -12.64 -0.06
CA MET A 592 12.18 -12.10 -0.38
C MET A 592 13.18 -13.18 -0.77
N PHE A 593 13.03 -14.39 -0.22
CA PHE A 593 13.85 -15.49 -0.71
C PHE A 593 13.60 -15.75 -2.19
N LEU A 594 12.37 -15.56 -2.65
CA LEU A 594 12.05 -15.76 -4.06
C LEU A 594 12.49 -14.59 -4.93
N ALA A 595 12.71 -13.42 -4.35
CA ALA A 595 13.07 -12.25 -5.13
C ALA A 595 14.58 -12.15 -5.38
N PHE A 596 15.39 -12.74 -4.50
CA PHE A 596 16.84 -12.63 -4.63
C PHE A 596 17.52 -13.98 -4.79
N GLY A 597 17.03 -15.01 -4.10
CA GLY A 597 17.71 -16.29 -4.07
C GLY A 597 18.54 -16.48 -2.83
N SER A 598 18.56 -15.50 -1.93
CA SER A 598 19.28 -15.64 -0.68
C SER A 598 18.37 -16.14 0.42
N VAL A 599 19.01 -16.67 1.46
CA VAL A 599 18.32 -17.14 2.65
C VAL A 599 18.66 -16.30 3.88
N VAL A 600 19.75 -15.55 3.85
CA VAL A 600 20.07 -14.65 4.97
C VAL A 600 19.55 -13.25 4.68
N LEU A 601 19.45 -12.83 3.40
CA LEU A 601 18.91 -11.48 3.20
C LEU A 601 17.44 -11.33 3.55
N PRO A 602 16.56 -12.34 3.46
CA PRO A 602 15.28 -12.22 4.14
C PRO A 602 15.40 -12.13 5.67
N ILE A 603 16.26 -12.94 6.28
CA ILE A 603 16.40 -12.93 7.73
C ILE A 603 17.10 -11.67 8.21
N LYS A 604 18.00 -11.10 7.41
CA LYS A 604 18.54 -9.82 7.86
C LYS A 604 17.45 -8.76 7.82
N ALA A 605 16.57 -8.83 6.82
CA ALA A 605 15.53 -7.81 6.72
C ALA A 605 14.48 -8.00 7.78
N ALA A 606 14.27 -9.24 8.23
CA ALA A 606 13.21 -9.55 9.19
C ALA A 606 13.46 -8.90 10.54
N LEU A 607 14.69 -9.00 11.06
CA LEU A 607 14.97 -8.47 12.38
C LEU A 607 15.26 -6.98 12.37
N MET A 608 15.70 -6.44 11.25
CA MET A 608 15.71 -4.99 11.10
C MET A 608 14.30 -4.44 11.09
N SER A 609 13.43 -5.03 10.27
CA SER A 609 12.04 -4.63 10.28
C SER A 609 11.43 -4.85 11.65
N ALA A 610 11.71 -5.98 12.29
CA ALA A 610 11.20 -6.25 13.63
C ALA A 610 11.68 -5.24 14.64
N LEU A 611 12.78 -4.57 14.35
CA LEU A 611 13.34 -3.64 15.31
C LEU A 611 12.86 -2.22 15.03
N THR A 612 12.81 -1.79 13.78
CA THR A 612 12.21 -0.49 13.46
C THR A 612 10.72 -0.46 13.77
N LEU A 613 10.09 -1.63 13.94
CA LEU A 613 8.69 -1.66 14.37
C LEU A 613 8.57 -1.29 15.85
N GLY A 614 9.27 -2.03 16.72
CA GLY A 614 9.18 -1.75 18.15
C GLY A 614 9.66 -0.36 18.51
N SER A 615 10.59 0.19 17.74
CA SER A 615 11.10 1.53 18.03
C SER A 615 10.07 2.59 17.65
N THR A 616 9.43 2.44 16.49
CA THR A 616 8.41 3.41 16.08
C THR A 616 7.20 3.35 16.99
N MET A 617 6.73 2.15 17.31
CA MET A 617 5.72 2.03 18.36
C MET A 617 6.20 2.66 19.65
N GLY A 618 7.49 2.56 19.95
CA GLY A 618 8.07 3.18 21.11
C GLY A 618 7.85 4.68 21.14
N ILE A 619 8.25 5.38 20.08
CA ILE A 619 8.08 6.83 20.06
C ILE A 619 6.59 7.18 20.12
N LEU A 620 5.75 6.46 19.38
CA LEU A 620 4.32 6.79 19.32
C LEU A 620 3.67 6.73 20.70
N THR A 621 3.97 5.71 21.50
CA THR A 621 3.47 5.66 22.86
C THR A 621 4.03 6.81 23.68
N TRP A 622 5.32 7.12 23.48
CA TRP A 622 5.94 8.26 24.13
C TRP A 622 5.25 9.58 23.77
N MET A 623 4.71 9.68 22.57
CA MET A 623 4.06 10.92 22.12
C MET A 623 2.57 10.96 22.42
N PHE A 624 1.86 9.85 22.26
CA PHE A 624 0.40 9.89 22.30
C PHE A 624 -0.19 9.34 23.59
N VAL A 625 0.51 8.45 24.29
CA VAL A 625 0.06 8.06 25.63
C VAL A 625 0.57 9.04 26.68
N ASP A 626 1.86 9.39 26.61
CA ASP A 626 2.45 10.27 27.60
C ASP A 626 2.50 11.74 27.17
N GLY A 627 2.31 12.04 25.90
CA GLY A 627 2.00 13.39 25.48
C GLY A 627 3.15 14.26 25.02
N HIS A 628 4.36 13.72 24.91
CA HIS A 628 5.50 14.54 24.49
C HIS A 628 5.29 15.03 23.06
N GLY A 629 4.96 16.31 22.91
CA GLY A 629 4.55 16.88 21.64
C GLY A 629 3.07 17.15 21.53
N SER A 630 2.28 16.82 22.56
CA SER A 630 0.84 17.01 22.48
C SER A 630 0.47 18.48 22.49
N GLY A 631 1.08 19.25 23.39
CA GLY A 631 0.81 20.68 23.43
C GLY A 631 1.26 21.37 22.16
N LEU A 632 2.41 20.94 21.62
CA LEU A 632 2.92 21.53 20.39
C LEU A 632 1.95 21.31 19.23
N MET A 633 1.45 20.08 19.09
CA MET A 633 0.66 19.68 17.94
C MET A 633 -0.84 19.63 18.23
N ASN A 634 -1.27 20.15 19.37
CA ASN A 634 -2.69 20.37 19.67
C ASN A 634 -3.49 19.06 19.66
N TYR A 635 -3.00 18.05 20.38
CA TYR A 635 -3.80 16.86 20.62
C TYR A 635 -3.74 16.49 22.09
N THR A 636 -4.73 15.73 22.54
CA THR A 636 -4.82 15.27 23.91
C THR A 636 -4.17 13.88 24.05
N PRO A 637 -3.38 13.66 25.11
CA PRO A 637 -2.84 12.31 25.36
C PRO A 637 -3.91 11.37 25.89
N GLN A 638 -4.05 10.21 25.26
CA GLN A 638 -5.10 9.27 25.61
C GLN A 638 -4.70 7.88 25.15
N PRO A 639 -5.41 6.84 25.62
CA PRO A 639 -5.19 5.51 25.07
C PRO A 639 -5.56 5.44 23.59
N LEU A 640 -4.99 4.45 22.90
CA LEU A 640 -5.08 4.38 21.45
C LEU A 640 -6.30 3.57 21.02
N MET A 641 -6.83 3.93 19.86
CA MET A 641 -7.90 3.14 19.26
C MET A 641 -7.40 1.73 19.02
N ALA A 642 -8.06 0.75 19.64
CA ALA A 642 -7.47 -0.58 19.74
C ALA A 642 -7.16 -1.20 18.39
N PRO A 643 -8.06 -1.23 17.40
CA PRO A 643 -7.67 -1.78 16.09
C PRO A 643 -6.70 -0.92 15.30
N MET A 644 -6.31 0.26 15.81
CA MET A 644 -5.23 0.99 15.15
C MET A 644 -3.90 0.28 15.33
N ILE A 645 -3.73 -0.45 16.44
CA ILE A 645 -2.48 -1.18 16.66
C ILE A 645 -2.27 -2.22 15.57
N GLY A 646 -3.33 -2.95 15.22
CA GLY A 646 -3.20 -3.93 14.15
C GLY A 646 -2.82 -3.26 12.84
N LEU A 647 -3.56 -2.21 12.46
CA LEU A 647 -3.26 -1.52 11.21
C LEU A 647 -1.83 -1.01 11.21
N ILE A 648 -1.42 -0.33 12.28
CA ILE A 648 -0.09 0.29 12.33
C ILE A 648 1.01 -0.77 12.23
N ILE A 649 0.78 -1.96 12.79
CA ILE A 649 1.81 -2.99 12.76
C ILE A 649 2.05 -3.46 11.33
N ALA A 650 0.97 -3.77 10.60
CA ALA A 650 1.09 -4.31 9.26
C ALA A 650 1.72 -3.29 8.31
N VAL A 651 1.17 -2.08 8.26
CA VAL A 651 1.65 -1.09 7.30
C VAL A 651 3.10 -0.71 7.58
N ILE A 652 3.49 -0.60 8.84
CA ILE A 652 4.90 -0.28 9.14
C ILE A 652 5.80 -1.46 8.77
N TRP A 653 5.37 -2.69 9.07
CA TRP A 653 6.16 -3.84 8.65
C TRP A 653 6.31 -3.89 7.14
N GLY A 654 5.20 -3.68 6.42
CA GLY A 654 5.28 -3.66 4.97
C GLY A 654 6.18 -2.56 4.43
N LEU A 655 6.25 -1.42 5.13
CA LEU A 655 7.13 -0.35 4.66
C LEU A 655 8.60 -0.70 4.89
N SER A 656 8.91 -1.30 6.05
CA SER A 656 10.30 -1.62 6.36
C SER A 656 10.86 -2.64 5.38
N THR A 657 10.04 -3.63 4.99
CA THR A 657 10.52 -4.62 4.04
C THR A 657 10.49 -4.13 2.60
N ASP A 658 9.68 -3.11 2.30
CA ASP A 658 9.73 -2.53 0.96
C ASP A 658 11.03 -1.75 0.76
N TYR A 659 11.52 -1.08 1.80
CA TYR A 659 12.82 -0.44 1.73
C TYR A 659 13.92 -1.46 1.48
N GLU A 660 13.88 -2.57 2.21
CA GLU A 660 14.86 -3.60 1.95
C GLU A 660 14.64 -4.33 0.67
N VAL A 661 13.75 -4.01 -0.27
CA VAL A 661 13.84 -4.58 -1.61
C VAL A 661 14.40 -3.58 -2.60
N PHE A 662 14.03 -2.31 -2.48
CA PHE A 662 14.46 -1.36 -3.52
C PHE A 662 15.96 -1.09 -3.44
N LEU A 663 16.57 -1.31 -2.27
CA LEU A 663 18.01 -1.14 -2.15
C LEU A 663 18.73 -2.46 -2.42
N VAL A 664 18.30 -3.53 -1.76
CA VAL A 664 19.06 -4.78 -1.84
C VAL A 664 18.85 -5.45 -3.20
N SER A 665 17.66 -5.34 -3.80
CA SER A 665 17.47 -5.99 -5.10
C SER A 665 18.34 -5.35 -6.17
N ARG A 666 18.77 -4.11 -5.95
CA ARG A 666 19.72 -3.47 -6.86
C ARG A 666 21.13 -4.02 -6.68
N MET A 667 21.54 -4.26 -5.43
CA MET A 667 22.87 -4.83 -5.21
C MET A 667 22.88 -6.34 -5.36
N VAL A 668 21.72 -6.99 -5.25
CA VAL A 668 21.61 -8.36 -5.74
C VAL A 668 21.81 -8.38 -7.25
N GLU A 669 21.17 -7.46 -7.96
CA GLU A 669 21.42 -7.28 -9.38
C GLU A 669 22.87 -6.88 -9.65
N ALA A 670 23.40 -5.94 -8.85
CA ALA A 670 24.76 -5.45 -9.10
C ALA A 670 25.79 -6.56 -8.96
N ARG A 671 25.50 -7.59 -8.17
CA ARG A 671 26.48 -8.63 -7.90
C ARG A 671 26.35 -9.85 -8.80
N GLU A 672 25.12 -10.26 -9.13
CA GLU A 672 24.94 -11.38 -10.05
C GLU A 672 25.56 -11.09 -11.41
N ARG A 673 25.61 -9.80 -11.80
CA ARG A 673 26.34 -9.40 -13.00
C ARG A 673 27.76 -9.91 -12.99
N GLY A 674 28.38 -10.00 -11.81
CA GLY A 674 29.77 -10.40 -11.72
C GLY A 674 30.58 -9.44 -10.88
N MET A 675 30.49 -9.61 -9.56
CA MET A 675 31.26 -8.85 -8.58
C MET A 675 31.08 -9.54 -7.25
N SER A 676 32.04 -9.16 -6.44
CA SER A 676 32.20 -9.52 -5.08
C SER A 676 31.27 -8.68 -4.27
N THR A 677 31.41 -8.88 -2.99
CA THR A 677 30.50 -8.22 -2.07
C THR A 677 30.71 -6.72 -2.00
N ALA A 678 31.73 -6.29 -1.23
CA ALA A 678 32.05 -4.90 -0.95
C ALA A 678 31.58 -3.93 -2.02
N GLU A 679 31.92 -4.18 -3.30
CA GLU A 679 31.52 -3.23 -4.32
C GLU A 679 30.04 -3.38 -4.67
N ALA A 680 29.53 -4.61 -4.76
CA ALA A 680 28.11 -4.81 -5.05
C ALA A 680 27.23 -4.00 -4.10
N ILE A 681 27.55 -4.02 -2.81
CA ILE A 681 26.77 -3.22 -1.88
C ILE A 681 27.00 -1.74 -2.11
N ARG A 682 28.21 -1.35 -2.48
CA ARG A 682 28.40 0.08 -2.67
C ARG A 682 27.80 0.52 -4.00
N ILE A 683 27.83 -0.33 -5.03
CA ILE A 683 27.09 -0.02 -6.26
C ILE A 683 25.62 0.13 -5.96
N GLY A 684 25.00 -0.93 -5.42
CA GLY A 684 23.61 -0.91 -5.02
C GLY A 684 23.27 0.32 -4.21
N THR A 685 24.01 0.58 -3.13
CA THR A 685 23.73 1.76 -2.31
C THR A 685 23.97 3.05 -3.07
N ALA A 686 24.95 3.07 -3.98
CA ALA A 686 25.26 4.32 -4.69
C ALA A 686 24.19 4.65 -5.72
N THR A 687 23.82 3.68 -6.55
CA THR A 687 22.85 3.97 -7.61
C THR A 687 21.45 4.21 -7.07
N THR A 688 21.08 3.58 -5.94
CA THR A 688 19.76 3.79 -5.35
C THR A 688 19.75 4.95 -4.36
N GLY A 689 20.90 5.44 -3.93
CA GLY A 689 20.97 6.47 -2.91
C GLY A 689 20.04 7.64 -3.19
N ARG A 690 20.23 8.29 -4.35
CA ARG A 690 19.46 9.47 -4.68
C ARG A 690 17.98 9.16 -4.85
N LEU A 691 17.67 8.03 -5.49
CA LEU A 691 16.27 7.69 -5.77
C LEU A 691 15.49 7.40 -4.51
N ILE A 692 16.08 6.64 -3.57
CA ILE A 692 15.34 6.25 -2.38
C ILE A 692 15.08 7.47 -1.49
N THR A 693 16.03 8.41 -1.41
CA THR A 693 15.71 9.63 -0.69
C THR A 693 14.59 10.39 -1.38
N GLY A 694 14.72 10.61 -2.69
CA GLY A 694 13.63 11.25 -3.42
C GLY A 694 12.31 10.55 -3.20
N ALA A 695 12.32 9.21 -3.25
CA ALA A 695 11.11 8.47 -2.93
C ALA A 695 10.73 8.66 -1.46
N ALA A 696 11.73 8.71 -0.56
CA ALA A 696 11.41 8.88 0.86
C ALA A 696 10.74 10.22 1.11
N LEU A 697 11.23 11.29 0.47
CA LEU A 697 10.67 12.62 0.72
C LEU A 697 9.26 12.74 0.17
N ILE A 698 8.96 12.07 -0.94
CA ILE A 698 7.60 12.12 -1.47
C ILE A 698 6.62 11.49 -0.49
N LEU A 699 6.99 10.36 0.11
CA LEU A 699 6.16 9.79 1.15
C LEU A 699 6.09 10.72 2.36
N ALA A 700 7.25 11.23 2.80
CA ALA A 700 7.29 12.10 3.97
C ALA A 700 6.47 13.37 3.73
N VAL A 701 6.49 13.90 2.50
CA VAL A 701 5.69 15.07 2.20
C VAL A 701 4.20 14.77 2.38
N VAL A 702 3.72 13.70 1.76
CA VAL A 702 2.29 13.41 1.79
C VAL A 702 1.86 13.06 3.21
N ALA A 703 2.63 12.21 3.89
CA ALA A 703 2.31 11.87 5.28
C ALA A 703 2.37 13.11 6.18
N GLY A 704 3.30 14.02 5.88
CA GLY A 704 3.41 15.25 6.66
C GLY A 704 2.17 16.12 6.58
N ALA A 705 1.40 16.01 5.50
CA ALA A 705 0.13 16.74 5.44
C ALA A 705 -0.86 16.15 6.44
N PHE A 706 -0.81 14.83 6.65
CA PHE A 706 -1.82 14.18 7.47
C PHE A 706 -1.51 14.22 8.97
N VAL A 707 -0.31 14.63 9.38
CA VAL A 707 -0.06 14.77 10.82
C VAL A 707 -0.86 15.92 11.41
N PHE A 708 -1.38 16.84 10.60
CA PHE A 708 -2.17 17.96 11.08
C PHE A 708 -3.66 17.68 11.12
N SER A 709 -4.07 16.41 11.00
CA SER A 709 -5.48 16.06 11.05
C SER A 709 -6.05 16.32 12.43
N ASP A 710 -7.30 16.78 12.49
CA ASP A 710 -7.96 16.95 13.77
C ASP A 710 -8.21 15.61 14.44
N LEU A 711 -8.45 14.56 13.66
CA LEU A 711 -8.77 13.25 14.21
C LEU A 711 -7.49 12.61 14.73
N VAL A 712 -7.48 12.24 16.01
CA VAL A 712 -6.25 11.81 16.63
C VAL A 712 -5.77 10.44 16.14
N MET A 713 -6.65 9.57 15.67
CA MET A 713 -6.13 8.32 15.11
C MET A 713 -5.43 8.56 13.77
N MET A 714 -5.89 9.57 13.02
CA MET A 714 -5.20 9.93 11.78
C MET A 714 -3.82 10.51 12.06
N LYS A 715 -3.68 11.34 13.11
CA LYS A 715 -2.35 11.83 13.47
C LYS A 715 -1.45 10.71 13.91
N TYR A 716 -1.97 9.83 14.78
CA TYR A 716 -1.21 8.68 15.22
C TYR A 716 -0.62 7.91 14.04
N LEU A 717 -1.43 7.63 13.02
CA LEU A 717 -0.95 6.86 11.88
C LEU A 717 0.01 7.66 11.01
N ALA A 718 -0.32 8.92 10.71
CA ALA A 718 0.57 9.75 9.90
C ALA A 718 1.94 9.88 10.54
N PHE A 719 1.98 9.95 11.88
CA PHE A 719 3.25 10.06 12.58
C PHE A 719 4.02 8.74 12.55
N GLY A 720 3.31 7.63 12.71
CA GLY A 720 3.96 6.33 12.66
C GLY A 720 4.81 6.15 11.40
N LEU A 721 4.30 6.63 10.26
CA LEU A 721 5.02 6.50 8.99
C LEU A 721 6.17 7.48 8.88
N LEU A 722 5.97 8.71 9.33
CA LEU A 722 7.07 9.66 9.34
C LEU A 722 8.25 9.13 10.15
N ILE A 723 7.98 8.65 11.37
CA ILE A 723 9.04 8.11 12.21
C ILE A 723 9.66 6.88 11.55
N ALA A 724 8.84 6.07 10.88
CA ALA A 724 9.34 4.83 10.30
C ALA A 724 10.14 5.07 9.03
N LEU A 725 9.65 5.90 8.11
CA LEU A 725 10.38 6.05 6.85
C LEU A 725 11.63 6.90 7.02
N LEU A 726 11.66 7.79 8.03
CA LEU A 726 12.88 8.52 8.32
C LEU A 726 13.92 7.62 8.97
N LEU A 727 13.48 6.71 9.83
CA LEU A 727 14.40 5.81 10.52
C LEU A 727 15.09 4.84 9.55
N ASP A 728 14.44 4.48 8.45
CA ASP A 728 15.02 3.54 7.51
C ASP A 728 15.77 4.23 6.37
N ALA A 729 15.29 5.39 5.92
CA ALA A 729 15.99 6.14 4.89
C ALA A 729 17.30 6.74 5.39
N THR A 730 17.61 6.63 6.68
CA THR A 730 18.90 7.08 7.20
C THR A 730 19.56 5.99 8.02
N ILE A 731 19.00 5.70 9.19
CA ILE A 731 19.67 4.86 10.18
C ILE A 731 19.90 3.45 9.65
N ILE A 732 18.94 2.91 8.90
CA ILE A 732 19.04 1.55 8.41
C ILE A 732 19.79 1.49 7.08
N ARG A 733 19.28 2.23 6.08
CA ARG A 733 19.79 2.09 4.72
C ARG A 733 21.20 2.64 4.59
N MET A 734 21.45 3.83 5.14
CA MET A 734 22.76 4.44 4.98
C MET A 734 23.79 3.81 5.90
N PHE A 735 23.39 3.41 7.11
CA PHE A 735 24.32 2.97 8.13
C PHE A 735 24.21 1.47 8.41
N LEU A 736 23.09 1.00 9.00
CA LEU A 736 23.11 -0.32 9.65
C LEU A 736 23.32 -1.46 8.65
N VAL A 737 22.51 -1.56 7.59
CA VAL A 737 22.67 -2.77 6.78
C VAL A 737 23.88 -2.72 5.85
N PRO A 738 24.33 -1.59 5.30
CA PRO A 738 25.66 -1.66 4.68
C PRO A 738 26.71 -2.19 5.64
N ALA A 739 26.58 -1.85 6.91
CA ALA A 739 27.43 -2.43 7.95
C ALA A 739 27.32 -3.95 7.97
N VAL A 740 26.13 -4.46 8.25
CA VAL A 740 25.92 -5.92 8.28
C VAL A 740 26.04 -6.55 6.91
N MET A 741 26.12 -5.75 5.85
CA MET A 741 26.21 -6.34 4.53
C MET A 741 27.63 -6.73 4.14
N LYS A 742 28.65 -6.15 4.78
CA LYS A 742 30.03 -6.65 4.64
C LYS A 742 30.55 -7.32 5.90
N LEU A 743 29.97 -6.99 7.06
CA LEU A 743 30.15 -7.71 8.32
C LEU A 743 30.08 -9.20 8.08
N LEU A 744 28.88 -9.71 7.79
CA LEU A 744 28.74 -11.01 7.15
C LEU A 744 28.56 -10.70 5.68
N GLY A 745 29.64 -10.90 4.93
CA GLY A 745 29.83 -10.21 3.67
C GLY A 745 29.79 -11.09 2.46
N ASP A 746 30.07 -12.38 2.59
CA ASP A 746 30.12 -13.29 1.45
C ASP A 746 29.01 -14.32 1.44
N ASP A 747 28.37 -14.57 2.57
CA ASP A 747 27.23 -15.47 2.65
C ASP A 747 25.91 -14.72 2.63
N CYS A 748 25.92 -13.46 2.20
CA CYS A 748 24.64 -12.80 1.91
C CYS A 748 23.80 -13.63 0.96
N TRP A 749 24.45 -14.22 -0.06
CA TRP A 749 23.76 -14.87 -1.17
C TRP A 749 23.72 -16.39 -0.99
N TRP A 750 23.97 -16.86 0.23
CA TRP A 750 23.93 -18.29 0.52
C TRP A 750 22.52 -18.85 0.32
N ALA A 751 22.45 -19.99 -0.36
CA ALA A 751 21.25 -20.82 -0.46
C ALA A 751 21.70 -22.22 -0.86
N PRO A 752 21.03 -23.27 -0.38
CA PRO A 752 21.44 -24.62 -0.78
C PRO A 752 20.92 -24.97 -2.16
N ARG A 753 19.71 -24.50 -2.45
CA ARG A 753 19.08 -24.67 -3.75
C ARG A 753 18.25 -23.42 -4.07
N LYS A 761 22.72 -20.23 -18.57
CA LYS A 761 23.57 -20.25 -19.75
C LYS A 761 24.11 -18.86 -20.05
N GLU A 762 25.40 -18.77 -20.34
CA GLU A 762 25.98 -17.52 -20.79
C GLU A 762 26.03 -17.51 -22.30
N PHE A 763 25.66 -16.37 -22.88
CA PHE A 763 25.65 -16.19 -24.31
C PHE A 763 27.08 -16.12 -24.85
N ASN A 764 27.22 -16.38 -26.14
CA ASN A 764 28.56 -16.40 -26.73
C ASN A 764 28.48 -16.22 -28.23
N ILE A 765 29.62 -16.35 -28.89
CA ILE A 765 29.73 -16.09 -30.31
C ILE A 765 29.10 -17.21 -31.12
N PHE A 766 29.13 -18.45 -30.62
CA PHE A 766 28.38 -19.52 -31.26
C PHE A 766 26.92 -19.16 -31.36
N GLU A 767 26.33 -18.68 -30.27
CA GLU A 767 24.89 -18.41 -30.29
C GLU A 767 24.55 -17.18 -31.12
N MET A 768 25.46 -16.20 -31.24
CA MET A 768 25.15 -14.99 -32.00
C MET A 768 25.23 -15.25 -33.51
N LEU A 769 26.26 -15.92 -33.97
CA LEU A 769 26.34 -16.27 -35.37
C LEU A 769 25.31 -17.33 -35.76
N ARG A 770 24.89 -18.15 -34.80
CA ARG A 770 23.76 -19.05 -35.03
C ARG A 770 22.50 -18.28 -35.37
N ILE A 771 22.38 -17.04 -34.89
CA ILE A 771 21.19 -16.24 -35.21
C ILE A 771 21.36 -15.55 -36.56
N ASP A 772 22.59 -15.16 -36.89
CA ASP A 772 22.81 -14.32 -38.06
C ASP A 772 23.10 -15.12 -39.31
N GLU A 773 23.57 -16.36 -39.18
CA GLU A 773 23.86 -17.22 -40.33
C GLU A 773 23.15 -18.57 -40.24
N GLY A 774 22.26 -18.75 -39.27
CA GLY A 774 21.53 -19.98 -39.09
C GLY A 774 22.36 -21.12 -38.56
N LEU A 775 21.71 -22.26 -38.26
CA LEU A 775 22.42 -23.48 -37.88
C LEU A 775 21.70 -24.64 -38.55
N ARG A 776 22.37 -25.28 -39.51
CA ARG A 776 21.77 -26.33 -40.34
C ARG A 776 22.56 -27.63 -40.17
N LEU A 777 21.87 -28.69 -39.74
CA LEU A 777 22.52 -29.95 -39.37
C LEU A 777 22.70 -30.90 -40.54
N LYS A 778 22.20 -30.54 -41.71
CA LYS A 778 22.38 -31.35 -42.91
C LYS A 778 22.59 -30.39 -44.07
N ILE A 779 23.46 -30.80 -45.00
CA ILE A 779 23.80 -30.07 -46.22
C ILE A 779 22.59 -29.35 -46.81
N TYR A 780 22.82 -28.15 -47.32
CA TYR A 780 21.81 -27.33 -47.96
C TYR A 780 22.51 -26.41 -48.96
N LYS A 781 21.74 -25.81 -49.85
CA LYS A 781 22.27 -24.88 -50.84
C LYS A 781 21.96 -23.45 -50.41
N ASP A 782 23.01 -22.61 -50.34
CA ASP A 782 22.86 -21.24 -49.88
C ASP A 782 22.25 -20.40 -51.01
N THR A 783 22.13 -19.08 -50.79
CA THR A 783 21.49 -18.23 -51.80
C THR A 783 22.24 -18.25 -53.11
N GLU A 784 23.56 -18.49 -53.07
CA GLU A 784 24.37 -18.53 -54.28
C GLU A 784 24.32 -19.89 -54.99
N GLY A 785 23.75 -20.91 -54.36
CA GLY A 785 23.68 -22.23 -54.94
C GLY A 785 24.74 -23.21 -54.48
N TYR A 786 25.57 -22.84 -53.51
CA TYR A 786 26.67 -23.67 -53.06
C TYR A 786 26.30 -24.48 -51.83
N TYR A 787 26.84 -25.70 -51.75
CA TYR A 787 26.58 -26.59 -50.64
C TYR A 787 27.19 -26.05 -49.35
N THR A 788 26.36 -25.87 -48.33
CA THR A 788 26.76 -25.31 -47.06
C THR A 788 26.25 -26.22 -45.95
N ILE A 789 26.88 -26.13 -44.77
CA ILE A 789 26.41 -26.85 -43.58
C ILE A 789 26.82 -26.10 -42.34
N GLY A 790 26.10 -26.35 -41.25
CA GLY A 790 26.42 -25.75 -39.96
C GLY A 790 26.09 -24.27 -39.91
N ILE A 791 27.02 -23.48 -39.39
CA ILE A 791 26.86 -22.03 -39.34
C ILE A 791 27.63 -21.47 -40.53
N GLY A 792 26.95 -21.41 -41.67
CA GLY A 792 27.49 -20.78 -42.87
C GLY A 792 28.79 -21.38 -43.38
N HIS A 793 29.04 -22.66 -43.12
CA HIS A 793 30.30 -23.28 -43.53
C HIS A 793 30.18 -23.82 -44.94
N LEU A 794 30.98 -23.29 -45.87
CA LEU A 794 30.94 -23.71 -47.26
C LEU A 794 31.80 -24.96 -47.44
N LEU A 795 31.21 -26.01 -48.01
CA LEU A 795 31.94 -27.24 -48.24
C LEU A 795 32.64 -27.24 -49.59
N THR A 796 31.89 -27.01 -50.67
CA THR A 796 32.49 -26.94 -51.99
C THR A 796 31.62 -26.05 -52.87
N LYS A 797 32.21 -25.60 -53.96
CA LYS A 797 31.45 -24.97 -55.04
C LYS A 797 31.18 -25.93 -56.17
N SER A 798 31.50 -27.21 -55.99
CA SER A 798 31.22 -28.20 -57.02
C SER A 798 29.72 -28.45 -57.12
N PRO A 799 29.20 -28.67 -58.32
CA PRO A 799 27.78 -29.05 -58.45
C PRO A 799 27.47 -30.39 -57.83
N SER A 800 28.45 -31.28 -57.73
CA SER A 800 28.22 -32.63 -57.21
C SER A 800 27.96 -32.60 -55.71
N LEU A 801 26.82 -33.16 -55.30
CA LEU A 801 26.53 -33.34 -53.89
C LEU A 801 27.49 -34.34 -53.25
N ASN A 802 27.84 -35.40 -53.98
CA ASN A 802 28.80 -36.37 -53.45
C ASN A 802 30.14 -35.73 -53.14
N ALA A 803 30.52 -34.71 -53.91
CA ALA A 803 31.74 -33.97 -53.59
C ALA A 803 31.57 -33.18 -52.30
N ALA A 804 30.35 -32.72 -52.00
CA ALA A 804 30.11 -32.04 -50.73
C ALA A 804 30.16 -33.02 -49.57
N LYS A 805 29.58 -34.21 -49.73
CA LYS A 805 29.67 -35.22 -48.68
C LYS A 805 31.09 -35.74 -48.53
N SER A 806 31.78 -35.98 -49.65
CA SER A 806 33.17 -36.42 -49.56
C SER A 806 34.00 -35.43 -48.76
N GLU A 807 33.71 -34.13 -48.92
CA GLU A 807 34.39 -33.09 -48.15
C GLU A 807 33.84 -32.98 -46.74
N LEU A 808 32.55 -33.22 -46.55
CA LEU A 808 32.01 -33.16 -45.19
C LEU A 808 32.52 -34.34 -44.36
N ASP A 809 32.54 -35.54 -44.96
CA ASP A 809 33.17 -36.67 -44.28
C ASP A 809 34.61 -36.38 -43.92
N LYS A 810 35.37 -35.73 -44.84
CA LYS A 810 36.76 -35.40 -44.53
C LYS A 810 36.84 -34.45 -43.34
N ALA A 811 35.94 -33.47 -43.28
CA ALA A 811 36.06 -32.45 -42.25
C ALA A 811 35.73 -33.00 -40.87
N ILE A 812 34.70 -33.84 -40.78
CA ILE A 812 34.26 -34.38 -39.50
C ILE A 812 35.07 -35.61 -39.08
N GLY A 813 35.48 -36.44 -40.03
CA GLY A 813 36.25 -37.62 -39.73
C GLY A 813 35.46 -38.91 -39.64
N ARG A 814 34.34 -39.01 -40.35
CA ARG A 814 33.46 -40.18 -40.33
C ARG A 814 32.49 -40.04 -41.47
N ASN A 815 31.76 -41.11 -41.75
CA ASN A 815 30.73 -41.08 -42.79
C ASN A 815 29.51 -40.33 -42.26
N THR A 816 29.27 -39.14 -42.80
CA THR A 816 28.16 -38.30 -42.39
C THR A 816 26.90 -38.52 -43.22
N ASN A 817 27.06 -39.00 -44.46
CA ASN A 817 26.08 -38.92 -45.55
C ASN A 817 25.23 -37.65 -45.42
N GLY A 818 25.88 -36.51 -45.24
CA GLY A 818 25.24 -35.23 -45.32
C GLY A 818 24.69 -34.65 -44.03
N VAL A 819 24.82 -35.36 -42.90
CA VAL A 819 24.25 -34.91 -41.63
C VAL A 819 25.34 -34.86 -40.56
N ILE A 820 25.30 -33.83 -39.73
CA ILE A 820 26.16 -33.71 -38.57
C ILE A 820 25.30 -33.45 -37.33
N THR A 821 25.93 -33.52 -36.16
CA THR A 821 25.29 -33.15 -34.91
C THR A 821 25.64 -31.72 -34.53
N LYS A 822 24.97 -31.21 -33.50
CA LYS A 822 25.17 -29.82 -33.09
C LYS A 822 26.61 -29.60 -32.62
N ASP A 823 27.11 -30.49 -31.75
CA ASP A 823 28.47 -30.34 -31.27
C ASP A 823 29.48 -30.40 -32.41
N GLU A 824 29.18 -31.18 -33.46
CA GLU A 824 30.04 -31.21 -34.63
C GLU A 824 30.02 -29.88 -35.36
N ALA A 825 28.84 -29.28 -35.49
CA ALA A 825 28.77 -27.93 -36.06
C ALA A 825 29.54 -26.94 -35.21
N GLU A 826 29.44 -27.06 -33.88
CA GLU A 826 30.21 -26.19 -33.00
C GLU A 826 31.71 -26.37 -33.20
N LYS A 827 32.17 -27.62 -33.35
CA LYS A 827 33.60 -27.83 -33.62
C LYS A 827 33.99 -27.24 -34.97
N LEU A 828 33.09 -27.30 -35.95
CA LEU A 828 33.40 -26.69 -37.24
C LEU A 828 33.37 -25.17 -37.15
N PHE A 829 32.45 -24.60 -36.37
CA PHE A 829 32.34 -23.16 -36.29
C PHE A 829 33.57 -22.56 -35.60
N ASN A 830 34.02 -23.20 -34.51
CA ASN A 830 35.20 -22.74 -33.81
C ASN A 830 36.41 -22.67 -34.73
N GLN A 831 36.58 -23.68 -35.60
CA GLN A 831 37.70 -23.66 -36.53
C GLN A 831 37.61 -22.47 -37.48
N ASP A 832 36.39 -22.12 -37.92
CA ASP A 832 36.23 -20.94 -38.75
C ASP A 832 36.60 -19.68 -37.97
N VAL A 833 36.19 -19.60 -36.70
CA VAL A 833 36.51 -18.42 -35.89
C VAL A 833 38.03 -18.27 -35.76
N ASP A 834 38.71 -19.35 -35.36
CA ASP A 834 40.17 -19.30 -35.18
C ASP A 834 40.87 -18.80 -36.44
N ALA A 835 40.36 -19.18 -37.62
CA ALA A 835 40.96 -18.68 -38.85
C ALA A 835 40.64 -17.20 -39.04
N ALA A 836 39.43 -16.77 -38.67
CA ALA A 836 39.10 -15.35 -38.77
C ALA A 836 39.98 -14.51 -37.87
N VAL A 837 40.27 -15.01 -36.66
CA VAL A 837 41.11 -14.24 -35.74
C VAL A 837 42.55 -14.16 -36.26
N ARG A 838 43.09 -15.28 -36.73
CA ARG A 838 44.43 -15.28 -37.32
C ARG A 838 44.54 -14.25 -38.44
N GLY A 839 43.50 -14.12 -39.26
CA GLY A 839 43.51 -13.09 -40.27
C GLY A 839 43.51 -11.70 -39.67
N ILE A 840 42.64 -11.48 -38.68
CA ILE A 840 42.50 -10.15 -38.08
C ILE A 840 43.80 -9.72 -37.45
N LEU A 841 44.43 -10.62 -36.67
CA LEU A 841 45.70 -10.31 -36.02
C LEU A 841 46.84 -10.13 -37.01
N ARG A 842 46.64 -10.49 -38.29
CA ARG A 842 47.65 -10.29 -39.31
C ARG A 842 47.33 -9.15 -40.28
N ASN A 843 46.35 -8.30 -39.96
CA ASN A 843 46.03 -7.11 -40.75
C ASN A 843 46.37 -5.87 -39.94
N ALA A 844 47.28 -5.04 -40.46
CA ALA A 844 47.66 -3.79 -39.80
C ALA A 844 46.47 -2.88 -39.53
N LYS A 845 45.41 -2.95 -40.36
CA LYS A 845 44.29 -2.04 -40.17
C LYS A 845 43.21 -2.61 -39.24
N LEU A 846 43.20 -3.92 -39.00
CA LEU A 846 42.23 -4.51 -38.07
C LEU A 846 42.83 -4.89 -36.72
N LYS A 847 44.08 -5.34 -36.67
CA LYS A 847 44.61 -5.84 -35.40
C LYS A 847 44.61 -4.80 -34.28
N PRO A 848 45.01 -3.54 -34.51
CA PRO A 848 44.99 -2.58 -33.40
C PRO A 848 43.60 -2.33 -32.85
N VAL A 849 42.58 -2.14 -33.69
CA VAL A 849 41.23 -2.02 -33.14
C VAL A 849 40.87 -3.29 -32.41
N TYR A 850 41.06 -4.45 -33.07
CA TYR A 850 40.75 -5.73 -32.45
C TYR A 850 41.35 -5.88 -31.05
N ASP A 851 42.64 -5.54 -30.88
CA ASP A 851 43.25 -5.59 -29.56
C ASP A 851 42.56 -4.62 -28.60
N SER A 852 42.10 -3.48 -29.11
CA SER A 852 41.50 -2.45 -28.27
C SER A 852 40.26 -2.95 -27.54
N LEU A 853 39.41 -3.72 -28.20
CA LEU A 853 38.07 -3.91 -27.67
C LEU A 853 37.91 -5.27 -26.98
N ASP A 854 36.81 -5.38 -26.24
CA ASP A 854 36.55 -6.45 -25.29
C ASP A 854 35.98 -7.69 -25.97
N ALA A 855 35.74 -8.74 -25.18
CA ALA A 855 35.33 -10.04 -25.71
C ALA A 855 34.02 -9.95 -26.49
N VAL A 856 33.05 -9.20 -25.97
CA VAL A 856 31.78 -9.07 -26.68
C VAL A 856 31.96 -8.27 -27.95
N ARG A 857 32.59 -7.09 -27.85
CA ARG A 857 32.76 -6.24 -29.02
C ARG A 857 33.68 -6.86 -30.06
N ARG A 858 34.59 -7.74 -29.66
CA ARG A 858 35.36 -8.52 -30.63
C ARG A 858 34.47 -9.46 -31.43
N ALA A 859 33.53 -10.12 -30.76
CA ALA A 859 32.59 -10.98 -31.47
C ALA A 859 31.83 -10.22 -32.55
N ALA A 860 31.45 -8.97 -32.26
CA ALA A 860 30.76 -8.18 -33.28
C ALA A 860 31.67 -7.91 -34.47
N LEU A 861 32.96 -7.65 -34.23
CA LEU A 861 33.87 -7.42 -35.34
C LEU A 861 34.15 -8.72 -36.11
N ILE A 862 34.20 -9.87 -35.42
CA ILE A 862 34.37 -11.15 -36.11
C ILE A 862 33.16 -11.44 -36.99
N ASN A 863 31.97 -11.17 -36.47
CA ASN A 863 30.75 -11.25 -37.28
C ASN A 863 30.91 -10.48 -38.60
N MET A 864 31.38 -9.23 -38.53
CA MET A 864 31.59 -8.47 -39.77
C MET A 864 32.60 -9.17 -40.69
N VAL A 865 33.72 -9.64 -40.14
CA VAL A 865 34.71 -10.34 -40.95
C VAL A 865 34.10 -11.59 -41.58
N PHE A 866 33.17 -12.24 -40.88
CA PHE A 866 32.50 -13.40 -41.46
C PHE A 866 31.63 -12.98 -42.64
N GLN A 867 30.82 -11.94 -42.44
CA GLN A 867 29.86 -11.57 -43.47
C GLN A 867 30.52 -10.93 -44.69
N MET A 868 31.67 -10.25 -44.53
CA MET A 868 32.21 -9.54 -45.68
C MET A 868 33.74 -9.59 -45.80
N GLY A 869 34.45 -10.33 -44.97
CA GLY A 869 35.89 -10.48 -45.10
C GLY A 869 36.68 -9.31 -44.54
N GLU A 870 37.98 -9.55 -44.35
CA GLU A 870 38.83 -8.56 -43.70
C GLU A 870 38.92 -7.27 -44.52
N THR A 871 39.21 -7.39 -45.82
CA THR A 871 39.30 -6.23 -46.69
C THR A 871 38.04 -5.38 -46.58
N GLY A 872 36.88 -6.03 -46.53
CA GLY A 872 35.60 -5.38 -46.34
C GLY A 872 35.51 -4.49 -45.10
N VAL A 873 35.71 -5.06 -43.90
CA VAL A 873 35.62 -4.24 -42.69
C VAL A 873 36.86 -3.37 -42.50
N ALA A 874 37.98 -3.71 -43.13
CA ALA A 874 39.12 -2.80 -43.09
C ALA A 874 38.84 -1.49 -43.80
N GLY A 875 37.85 -1.48 -44.70
CA GLY A 875 37.43 -0.24 -45.34
C GLY A 875 36.75 0.74 -44.41
N PHE A 876 36.33 0.29 -43.23
CA PHE A 876 35.71 1.18 -42.24
C PHE A 876 36.77 1.84 -41.36
N THR A 877 37.69 2.59 -41.98
CA THR A 877 38.83 3.12 -41.23
C THR A 877 38.40 4.12 -40.17
N ASN A 878 37.37 4.92 -40.45
CA ASN A 878 36.88 5.87 -39.46
C ASN A 878 36.20 5.17 -38.29
N SER A 879 35.22 4.31 -38.58
CA SER A 879 34.48 3.64 -37.51
C SER A 879 35.38 2.74 -36.67
N LEU A 880 36.31 2.03 -37.31
CA LEU A 880 37.26 1.23 -36.54
C LEU A 880 38.08 2.12 -35.62
N ARG A 881 38.45 3.30 -36.10
CA ARG A 881 39.20 4.24 -35.26
C ARG A 881 38.35 4.72 -34.07
N MET A 882 37.09 5.06 -34.33
CA MET A 882 36.20 5.47 -33.25
C MET A 882 36.01 4.35 -32.23
N LEU A 883 35.90 3.10 -32.70
CA LEU A 883 35.77 1.98 -31.77
C LEU A 883 37.04 1.79 -30.95
N GLN A 884 38.20 1.98 -31.59
CA GLN A 884 39.47 1.85 -30.87
C GLN A 884 39.57 2.87 -29.75
N GLN A 885 38.97 4.04 -29.93
CA GLN A 885 38.99 5.10 -28.92
C GLN A 885 37.76 5.09 -28.03
N LYS A 886 36.96 4.01 -28.07
CA LYS A 886 35.84 3.77 -27.15
C LYS A 886 34.68 4.72 -27.40
N ARG A 887 34.64 5.40 -28.55
CA ARG A 887 33.57 6.34 -28.86
C ARG A 887 32.41 5.59 -29.51
N TRP A 888 31.75 4.77 -28.69
CA TRP A 888 30.75 3.82 -29.17
C TRP A 888 29.61 4.51 -29.89
N ASP A 889 29.07 5.57 -29.29
CA ASP A 889 27.94 6.26 -29.89
C ASP A 889 28.30 6.80 -31.27
N GLU A 890 29.49 7.41 -31.39
CA GLU A 890 29.91 7.95 -32.68
C GLU A 890 30.08 6.84 -33.72
N ALA A 891 30.59 5.68 -33.30
CA ALA A 891 30.76 4.57 -34.23
C ALA A 891 29.42 3.97 -34.63
N ALA A 892 28.51 3.80 -33.66
CA ALA A 892 27.18 3.32 -33.96
C ALA A 892 26.50 4.20 -35.00
N VAL A 893 26.68 5.51 -34.91
CA VAL A 893 26.03 6.42 -35.84
C VAL A 893 26.70 6.36 -37.21
N ASN A 894 28.03 6.27 -37.22
CA ASN A 894 28.78 6.24 -38.48
C ASN A 894 28.53 4.93 -39.23
N LEU A 895 28.61 3.80 -38.52
CA LEU A 895 28.38 2.50 -39.17
C LEU A 895 26.99 2.40 -39.76
N ALA A 896 25.99 3.05 -39.15
CA ALA A 896 24.62 2.97 -39.65
C ALA A 896 24.40 3.77 -40.92
N LYS A 897 25.39 4.54 -41.37
CA LYS A 897 25.32 5.23 -42.66
C LYS A 897 25.95 4.41 -43.78
N SER A 898 26.45 3.21 -43.48
CA SER A 898 27.13 2.40 -44.47
C SER A 898 26.13 1.79 -45.45
N ARG A 899 26.66 1.29 -46.57
CA ARG A 899 25.87 0.49 -47.49
C ARG A 899 25.54 -0.87 -46.87
N TRP A 900 26.43 -1.40 -46.04
CA TRP A 900 26.18 -2.66 -45.35
C TRP A 900 24.98 -2.57 -44.43
N TYR A 901 24.69 -1.40 -43.87
CA TYR A 901 23.48 -1.26 -43.07
C TYR A 901 22.23 -1.38 -43.94
N ASN A 902 22.22 -0.74 -45.10
CA ASN A 902 20.98 -0.71 -45.88
C ASN A 902 20.73 -2.02 -46.63
N GLN A 903 21.78 -2.79 -46.91
CA GLN A 903 21.60 -4.09 -47.55
C GLN A 903 21.13 -5.16 -46.57
N THR A 904 21.76 -5.24 -45.41
CA THR A 904 21.42 -6.23 -44.40
C THR A 904 21.15 -5.53 -43.06
N PRO A 905 20.04 -4.78 -42.98
CA PRO A 905 19.81 -3.95 -41.79
C PRO A 905 19.61 -4.73 -40.51
N ASN A 906 18.77 -5.76 -40.54
CA ASN A 906 18.44 -6.49 -39.32
C ASN A 906 19.69 -7.03 -38.65
N ARG A 907 20.66 -7.47 -39.45
CA ARG A 907 21.91 -7.96 -38.90
C ARG A 907 22.89 -6.82 -38.61
N ALA A 908 22.89 -5.78 -39.45
CA ALA A 908 23.76 -4.64 -39.18
C ALA A 908 23.30 -3.88 -37.95
N LYS A 909 21.98 -3.64 -37.83
CA LYS A 909 21.47 -2.94 -36.65
C LYS A 909 21.76 -3.76 -35.40
N ARG A 910 21.66 -5.08 -35.52
CA ARG A 910 21.95 -5.98 -34.42
C ARG A 910 23.42 -5.92 -34.03
N VAL A 911 24.31 -5.87 -35.01
CA VAL A 911 25.75 -5.85 -34.75
C VAL A 911 26.18 -4.49 -34.22
N ILE A 912 25.66 -3.40 -34.80
CA ILE A 912 25.98 -2.06 -34.33
C ILE A 912 25.55 -1.88 -32.89
N THR A 913 24.34 -2.36 -32.54
CA THR A 913 23.88 -2.25 -31.17
C THR A 913 24.85 -2.93 -30.21
N THR A 914 25.47 -4.03 -30.65
CA THR A 914 26.45 -4.71 -29.82
C THR A 914 27.72 -3.89 -29.65
N PHE A 915 28.06 -3.05 -30.64
CA PHE A 915 29.16 -2.11 -30.45
C PHE A 915 28.77 -0.99 -29.48
N ARG A 916 27.54 -0.49 -29.59
CA ARG A 916 27.10 0.61 -28.74
C ARG A 916 27.10 0.21 -27.27
N THR A 917 26.37 -0.85 -26.92
CA THR A 917 26.21 -1.21 -25.51
C THR A 917 27.23 -2.21 -24.99
N GLY A 918 27.90 -2.95 -25.87
CA GLY A 918 28.85 -3.93 -25.37
C GLY A 918 28.26 -5.15 -24.69
N THR A 919 26.96 -5.42 -24.87
CA THR A 919 26.36 -6.64 -24.35
C THR A 919 25.64 -7.40 -25.45
N TRP A 920 25.14 -8.58 -25.09
CA TRP A 920 24.51 -9.50 -26.03
C TRP A 920 23.03 -9.22 -26.26
N ASP A 921 22.49 -8.12 -25.72
CA ASP A 921 21.04 -7.96 -25.59
C ASP A 921 20.32 -8.02 -26.94
N ALA A 922 20.94 -7.49 -27.99
CA ALA A 922 20.33 -7.54 -29.31
C ALA A 922 20.11 -8.98 -29.81
N TYR A 923 20.83 -9.94 -29.25
CA TYR A 923 20.75 -11.34 -29.64
C TYR A 923 19.94 -12.19 -28.67
N GLU A 924 19.90 -11.82 -27.39
CA GLU A 924 19.09 -12.57 -26.43
C GLU A 924 17.60 -12.38 -26.65
N PHE A 925 17.21 -11.27 -27.31
CA PHE A 925 15.80 -10.96 -27.60
C PHE A 925 15.77 -10.35 -29.01
N HIS A 926 15.74 -11.21 -30.02
CA HIS A 926 15.84 -10.79 -31.41
C HIS A 926 14.52 -11.03 -32.15
N LEU A 927 14.38 -10.33 -33.27
CA LEU A 927 13.21 -10.45 -34.11
C LEU A 927 13.27 -11.72 -34.97
N GLY A 928 12.11 -12.36 -35.12
CA GLY A 928 11.88 -13.49 -36.00
C GLY A 928 13.00 -14.49 -36.22
N GLY A 929 13.41 -14.63 -37.47
CA GLY A 929 14.52 -15.48 -37.87
C GLY A 929 14.98 -15.03 -39.24
N ILE A 930 16.08 -15.62 -39.70
CA ILE A 930 16.64 -15.29 -41.00
C ILE A 930 16.17 -16.32 -42.03
N LYS A 931 15.96 -15.87 -43.26
CA LYS A 931 15.48 -16.73 -44.33
C LYS A 931 16.47 -16.92 -45.48
N ALA A 932 17.42 -16.02 -45.66
CA ALA A 932 18.43 -16.13 -46.70
C ALA A 932 19.76 -16.50 -46.07
N PHE A 933 20.19 -17.74 -46.27
CA PHE A 933 21.45 -18.25 -45.75
C PHE A 933 22.56 -18.00 -46.75
N HIS A 934 23.71 -17.54 -46.25
CA HIS A 934 24.86 -17.24 -47.08
C HIS A 934 26.13 -17.65 -46.35
N HIS A 935 26.96 -18.46 -47.01
CA HIS A 935 28.20 -18.94 -46.42
C HIS A 935 29.16 -17.79 -46.17
N HIS A 936 29.81 -17.81 -45.01
CA HIS A 936 30.68 -16.70 -44.65
C HIS A 936 32.05 -16.85 -45.30
N HIS A 937 32.82 -15.75 -45.27
CA HIS A 937 34.25 -15.84 -45.53
C HIS A 937 34.93 -16.62 -44.41
N HIS A 938 36.18 -16.99 -44.64
CA HIS A 938 37.01 -17.67 -43.64
C HIS A 938 36.46 -19.05 -43.30
N HIS A 939 36.07 -19.80 -44.34
CA HIS A 939 35.74 -21.21 -44.16
C HIS A 939 37.05 -21.99 -44.08
N HIS A 940 37.32 -22.60 -42.93
CA HIS A 940 38.67 -23.07 -42.60
C HIS A 940 39.14 -24.25 -43.45
N HIS A 941 38.54 -25.43 -43.27
CA HIS A 941 39.05 -26.72 -43.77
C HIS A 941 40.34 -27.13 -43.06
#